data_4Q7L
#
_entry.id   4Q7L
#
_cell.length_a   95.930
_cell.length_b   95.930
_cell.length_c   88.510
_cell.angle_alpha   90.00
_cell.angle_beta   90.00
_cell.angle_gamma   120.00
#
_symmetry.space_group_name_H-M   'P 32'
#
loop_
_entity.id
_entity.type
_entity.pdbx_description
1 polymer 'Uncharacterized ABC transporter ATP-binding protein TM_0288'
2 non-polymer 'NICKEL (II) ION'
3 water water
#
_entity_poly.entity_id   1
_entity_poly.type   'polypeptide(L)'
_entity_poly.pdbx_seq_one_letter_code
;MSGEIEFKNVWFSYDKKKPVLKDITFHIKPGQKVALVGPTGSGKTTIVNLLMRFYDVDRGQILVDGIDIRKIKRSSLRSS
IGIVLQDTILFSTTVKENLKYGNPGATDEEIKEAAKLTHSDHFIKHLPEGYETVLTDNGEDLSQGQRQLLAITRAFLANP
KILILDEATSNVDTKTEKSIQAAMWKLMEGKTSIIIAHRLNTIKNADLIIVLRDGEIVEMGKHDELIQKRGFYYELFTSQ
YGLVVEKEAALEVLFQ
;
_entity_poly.pdbx_strand_id   A,B,C
#
loop_
_chem_comp.id
_chem_comp.type
_chem_comp.name
_chem_comp.formula
NI non-polymer 'NICKEL (II) ION' 'Ni 2'
#
# COMPACT_ATOMS: atom_id res chain seq x y z
N SER A 2 -4.07 5.14 0.68
CA SER A 2 -3.55 6.05 1.70
C SER A 2 -2.81 7.21 1.06
N GLY A 3 -3.08 8.42 1.54
CA GLY A 3 -2.43 9.59 1.02
C GLY A 3 -3.33 10.51 0.22
N GLU A 4 -4.58 10.09 -0.02
CA GLU A 4 -5.55 10.91 -0.73
C GLU A 4 -5.85 12.20 0.05
N ILE A 5 -5.82 13.33 -0.65
CA ILE A 5 -6.06 14.62 -0.04
C ILE A 5 -7.05 15.43 -0.85
N GLU A 6 -8.03 16.02 -0.19
CA GLU A 6 -8.99 16.87 -0.89
C GLU A 6 -9.30 18.14 -0.09
N PHE A 7 -9.18 19.29 -0.76
CA PHE A 7 -9.69 20.56 -0.25
C PHE A 7 -10.97 20.86 -1.02
N LYS A 8 -12.08 21.04 -0.30
CA LYS A 8 -13.33 21.40 -0.95
C LYS A 8 -13.81 22.78 -0.51
N ASN A 9 -13.66 23.74 -1.42
CA ASN A 9 -14.14 25.11 -1.21
C ASN A 9 -13.65 25.76 0.08
N VAL A 10 -12.36 25.58 0.35
CA VAL A 10 -11.77 26.02 1.61
C VAL A 10 -11.54 27.53 1.66
N TRP A 11 -12.10 28.17 2.69
CA TRP A 11 -11.80 29.56 3.01
C TRP A 11 -11.14 29.63 4.38
N PHE A 12 -10.07 30.41 4.50
CA PHE A 12 -9.44 30.59 5.80
C PHE A 12 -8.79 31.97 5.98
N SER A 13 -8.89 32.46 7.21
CA SER A 13 -8.26 33.69 7.64
C SER A 13 -7.71 33.47 9.07
N TYR A 14 -6.54 34.02 9.38
CA TYR A 14 -6.04 33.98 10.75
C TYR A 14 -6.74 35.06 11.54
N ASP A 15 -6.87 36.21 10.90
CA ASP A 15 -7.47 37.42 11.45
C ASP A 15 -8.98 37.33 11.69
N LYS A 16 -9.64 36.52 10.86
CA LYS A 16 -11.09 36.53 10.70
C LYS A 16 -11.56 37.88 10.16
N LYS A 17 -10.65 38.61 9.52
CA LYS A 17 -11.01 39.89 8.90
C LYS A 17 -11.00 39.73 7.40
N LYS A 18 -9.84 39.94 6.79
CA LYS A 18 -9.68 39.72 5.36
C LYS A 18 -9.08 38.34 5.11
N PRO A 19 -9.80 37.50 4.36
CA PRO A 19 -9.39 36.11 4.08
C PRO A 19 -7.97 36.00 3.51
N VAL A 20 -7.30 34.92 3.87
CA VAL A 20 -5.99 34.59 3.30
C VAL A 20 -6.19 33.57 2.19
N LEU A 21 -7.05 32.59 2.44
CA LEU A 21 -7.37 31.59 1.44
C LEU A 21 -8.83 31.76 1.03
N LYS A 22 -9.09 31.65 -0.27
CA LYS A 22 -10.42 31.85 -0.84
C LYS A 22 -10.79 30.73 -1.80
N ASP A 23 -11.77 29.93 -1.40
CA ASP A 23 -12.35 28.87 -2.24
C ASP A 23 -11.30 27.89 -2.78
N ILE A 24 -10.37 27.49 -1.92
CA ILE A 24 -9.34 26.55 -2.32
C ILE A 24 -9.97 25.19 -2.58
N THR A 25 -9.87 24.74 -3.83
CA THR A 25 -10.39 23.45 -4.25
C THR A 25 -9.39 22.66 -5.09
N PHE A 26 -8.99 21.49 -4.58
CA PHE A 26 -8.15 20.57 -5.35
C PHE A 26 -8.24 19.16 -4.81
N HIS A 27 -7.76 18.22 -5.62
CA HIS A 27 -7.78 16.82 -5.25
C HIS A 27 -6.46 16.15 -5.60
N ILE A 28 -5.89 15.44 -4.62
CA ILE A 28 -4.63 14.77 -4.81
C ILE A 28 -4.83 13.28 -4.67
N LYS A 29 -4.41 12.54 -5.69
CA LYS A 29 -4.48 11.08 -5.66
C LYS A 29 -3.32 10.51 -4.84
N PRO A 30 -3.51 9.33 -4.24
CA PRO A 30 -2.45 8.68 -3.45
C PRO A 30 -1.16 8.45 -4.25
N GLY A 31 -0.05 8.95 -3.75
CA GLY A 31 1.25 8.71 -4.35
C GLY A 31 1.68 9.77 -5.34
N GLN A 32 0.86 10.79 -5.54
CA GLN A 32 1.21 11.88 -6.45
C GLN A 32 2.25 12.83 -5.84
N LYS A 33 3.07 13.42 -6.71
CA LYS A 33 3.99 14.49 -6.30
C LYS A 33 3.47 15.84 -6.77
N VAL A 34 3.11 16.67 -5.81
CA VAL A 34 2.45 17.94 -6.07
C VAL A 34 3.35 19.12 -5.74
N ALA A 35 3.58 19.98 -6.71
CA ALA A 35 4.29 21.23 -6.47
C ALA A 35 3.31 22.36 -6.20
N LEU A 36 3.40 22.95 -5.01
CA LEU A 36 2.72 24.20 -4.69
C LEU A 36 3.62 25.34 -5.09
N VAL A 37 3.23 26.09 -6.12
CA VAL A 37 4.09 27.17 -6.57
C VAL A 37 3.33 28.48 -6.57
N GLY A 38 4.06 29.54 -6.25
CA GLY A 38 3.50 30.87 -6.08
C GLY A 38 4.47 31.64 -5.21
N PRO A 39 4.45 32.97 -5.30
CA PRO A 39 5.37 33.81 -4.53
C PRO A 39 5.11 33.72 -3.03
N THR A 40 6.03 34.26 -2.23
CA THR A 40 5.86 34.29 -0.77
C THR A 40 4.56 34.98 -0.36
N GLY A 41 3.78 34.31 0.49
CA GLY A 41 2.53 34.86 0.98
C GLY A 41 1.33 34.60 0.06
N SER A 42 1.53 33.76 -0.95
CA SER A 42 0.47 33.47 -1.90
C SER A 42 -0.59 32.50 -1.34
N GLY A 43 -0.27 31.88 -0.21
CA GLY A 43 -1.19 30.93 0.41
C GLY A 43 -0.56 29.55 0.62
N LYS A 44 0.67 29.39 0.12
CA LYS A 44 1.39 28.11 0.22
C LYS A 44 1.45 27.62 1.65
N THR A 45 1.95 28.49 2.51
CA THR A 45 2.16 28.16 3.90
C THR A 45 0.84 27.85 4.61
N THR A 46 -0.19 28.61 4.27
CA THR A 46 -1.46 28.49 4.97
C THR A 46 -2.14 27.17 4.60
N ILE A 47 -2.03 26.77 3.34
CA ILE A 47 -2.57 25.49 2.86
C ILE A 47 -1.95 24.33 3.64
N VAL A 48 -0.64 24.40 3.82
CA VAL A 48 0.09 23.38 4.55
C VAL A 48 -0.22 23.47 6.07
N ASN A 49 -0.39 24.69 6.59
CA ASN A 49 -0.80 24.83 8.00
C ASN A 49 -2.16 24.18 8.27
N LEU A 50 -3.06 24.24 7.30
CA LEU A 50 -4.40 23.66 7.47
C LEU A 50 -4.36 22.14 7.36
N LEU A 51 -3.57 21.63 6.41
CA LEU A 51 -3.40 20.21 6.24
C LEU A 51 -2.81 19.54 7.50
N MET A 52 -1.90 20.24 8.16
CA MET A 52 -1.32 19.75 9.41
C MET A 52 -2.27 20.00 10.57
N ARG A 53 -3.37 20.69 10.26
CA ARG A 53 -4.39 21.10 11.22
C ARG A 53 -3.84 21.92 12.38
N PHE A 54 -3.07 22.95 12.07
CA PHE A 54 -2.69 23.96 13.07
C PHE A 54 -3.88 24.88 13.36
N TYR A 55 -4.80 24.93 12.40
CA TYR A 55 -6.09 25.63 12.51
C TYR A 55 -7.15 24.86 11.75
N ASP A 56 -8.43 25.12 12.03
CA ASP A 56 -9.51 24.57 11.20
C ASP A 56 -9.94 25.60 10.17
N VAL A 57 -10.50 25.14 9.05
CA VAL A 57 -11.00 26.06 8.03
C VAL A 57 -12.24 26.82 8.51
N ASP A 58 -12.44 28.02 7.99
CA ASP A 58 -13.62 28.81 8.30
C ASP A 58 -14.79 28.38 7.42
N ARG A 59 -14.49 27.91 6.21
CA ARG A 59 -15.52 27.41 5.30
C ARG A 59 -15.00 26.20 4.52
N GLY A 60 -15.90 25.39 3.99
CA GLY A 60 -15.52 24.20 3.24
C GLY A 60 -14.98 23.11 4.14
N GLN A 61 -14.22 22.18 3.57
CA GLN A 61 -13.63 21.13 4.38
C GLN A 61 -12.38 20.53 3.74
N ILE A 62 -11.58 19.85 4.57
CA ILE A 62 -10.41 19.11 4.11
C ILE A 62 -10.57 17.64 4.45
N LEU A 63 -10.34 16.78 3.47
CA LEU A 63 -10.45 15.34 3.67
C LEU A 63 -9.11 14.64 3.48
N VAL A 64 -8.76 13.77 4.40
CA VAL A 64 -7.63 12.89 4.21
C VAL A 64 -8.13 11.46 4.12
N ASP A 65 -7.94 10.86 2.95
CA ASP A 65 -8.48 9.56 2.62
C ASP A 65 -9.97 9.47 2.95
N GLY A 66 -10.72 10.45 2.45
CA GLY A 66 -12.17 10.44 2.56
C GLY A 66 -12.75 10.85 3.91
N ILE A 67 -11.89 11.09 4.89
CA ILE A 67 -12.35 11.47 6.24
C ILE A 67 -12.00 12.92 6.55
N ASP A 68 -12.98 13.69 7.03
CA ASP A 68 -12.74 15.06 7.45
C ASP A 68 -11.62 15.08 8.50
N ILE A 69 -10.64 15.96 8.33
CA ILE A 69 -9.50 15.98 9.24
C ILE A 69 -9.91 16.37 10.64
N ARG A 70 -11.04 17.07 10.75
CA ARG A 70 -11.58 17.46 12.04
C ARG A 70 -12.06 16.23 12.81
N LYS A 71 -12.32 15.16 12.09
CA LYS A 71 -12.83 13.93 12.69
C LYS A 71 -11.71 12.90 12.90
N ILE A 72 -10.49 13.25 12.54
CA ILE A 72 -9.36 12.33 12.75
C ILE A 72 -8.68 12.62 14.07
N LYS A 73 -8.41 11.57 14.84
CA LYS A 73 -7.64 11.68 16.08
C LYS A 73 -6.32 12.40 15.80
N ARG A 74 -6.01 13.43 16.59
CA ARG A 74 -4.90 14.33 16.27
C ARG A 74 -3.54 13.63 16.16
N SER A 75 -3.30 12.66 17.04
CA SER A 75 -2.03 11.95 17.05
C SER A 75 -1.90 11.05 15.81
N SER A 76 -3.03 10.53 15.35
CA SER A 76 -3.04 9.69 14.15
C SER A 76 -2.87 10.52 12.88
N LEU A 77 -3.37 11.75 12.89
CA LEU A 77 -3.18 12.65 11.75
C LEU A 77 -1.72 13.05 11.67
N ARG A 78 -1.15 13.48 12.79
CA ARG A 78 0.23 13.97 12.81
C ARG A 78 1.23 12.87 12.45
N SER A 79 1.03 11.66 12.95
CA SER A 79 1.97 10.58 12.66
C SER A 79 1.79 10.00 11.25
N SER A 80 0.74 10.43 10.55
CA SER A 80 0.59 9.98 9.16
C SER A 80 1.10 11.05 8.20
N ILE A 81 1.61 12.15 8.75
CA ILE A 81 2.18 13.24 7.94
C ILE A 81 3.62 13.52 8.33
N GLY A 82 4.51 13.56 7.36
CA GLY A 82 5.92 13.80 7.63
C GLY A 82 6.41 15.08 6.96
N ILE A 83 7.13 15.91 7.71
CA ILE A 83 7.65 17.16 7.16
C ILE A 83 9.18 17.21 7.16
N VAL A 84 9.73 17.69 6.06
CA VAL A 84 11.14 17.99 5.99
C VAL A 84 11.32 19.42 5.52
N LEU A 85 11.89 20.26 6.38
CA LEU A 85 12.15 21.65 6.05
C LEU A 85 13.54 21.82 5.45
N GLN A 86 13.81 23.01 4.95
CA GLN A 86 15.12 23.32 4.38
C GLN A 86 16.19 23.42 5.47
N ASP A 87 15.83 24.08 6.58
CA ASP A 87 16.73 24.24 7.72
C ASP A 87 16.23 23.42 8.93
N THR A 88 16.60 22.15 8.94
CA THR A 88 16.12 21.19 9.93
C THR A 88 16.74 21.39 11.32
N ILE A 89 15.90 21.32 12.35
CA ILE A 89 16.37 21.35 13.74
C ILE A 89 16.42 19.93 14.31
N LEU A 90 17.50 19.61 15.03
CA LEU A 90 17.69 18.26 15.58
C LEU A 90 17.77 18.24 17.10
N PHE A 91 17.78 17.06 17.69
CA PHE A 91 17.86 16.94 19.15
C PHE A 91 19.28 16.62 19.59
N SER A 92 19.63 17.06 20.80
CA SER A 92 20.98 16.89 21.30
C SER A 92 21.24 15.51 21.90
N THR A 93 21.09 14.48 21.08
CA THR A 93 21.50 13.12 21.45
C THR A 93 22.35 12.53 20.33
N THR A 94 22.57 11.21 20.38
CA THR A 94 23.35 10.56 19.34
C THR A 94 22.60 10.56 18.00
N VAL A 95 23.34 10.33 16.93
CA VAL A 95 22.74 10.25 15.61
C VAL A 95 21.71 9.13 15.58
N LYS A 96 22.02 8.03 16.25
CA LYS A 96 21.14 6.86 16.29
C LYS A 96 19.80 7.21 16.93
N GLU A 97 19.83 7.98 18.01
CA GLU A 97 18.61 8.32 18.75
C GLU A 97 17.72 9.29 17.96
N ASN A 98 18.36 10.25 17.31
CA ASN A 98 17.62 11.16 16.42
C ASN A 98 16.86 10.39 15.35
N LEU A 99 17.54 9.45 14.70
CA LEU A 99 16.90 8.64 13.69
C LEU A 99 15.78 7.80 14.27
N LYS A 100 15.92 7.38 15.52
CA LYS A 100 14.97 6.45 16.11
C LYS A 100 13.68 7.15 16.57
N TYR A 101 13.63 8.47 16.52
CA TYR A 101 12.34 9.15 16.60
C TYR A 101 11.53 8.77 15.35
N GLY A 102 10.23 8.58 15.51
CA GLY A 102 9.42 8.15 14.37
C GLY A 102 9.35 6.63 14.27
N ASN A 103 10.41 5.95 14.71
CA ASN A 103 10.38 4.50 14.88
C ASN A 103 11.29 4.01 16.01
N PRO A 104 10.95 4.36 17.28
CA PRO A 104 11.73 3.90 18.45
C PRO A 104 11.93 2.39 18.54
N GLY A 105 10.95 1.63 18.06
CA GLY A 105 10.96 0.20 18.22
C GLY A 105 11.84 -0.50 17.21
N ALA A 106 12.38 0.27 16.27
CA ALA A 106 13.24 -0.28 15.23
C ALA A 106 14.57 -0.78 15.79
N THR A 107 15.11 -1.83 15.18
CA THR A 107 16.41 -2.36 15.60
C THR A 107 17.52 -1.46 15.10
N ASP A 108 18.73 -1.66 15.62
CA ASP A 108 19.88 -0.85 15.22
C ASP A 108 20.25 -1.12 13.76
N GLU A 109 19.99 -2.33 13.29
CA GLU A 109 20.28 -2.67 11.89
C GLU A 109 19.26 -2.04 10.95
N GLU A 110 18.02 -1.92 11.40
CA GLU A 110 16.98 -1.31 10.57
C GLU A 110 17.24 0.19 10.38
N ILE A 111 17.86 0.80 11.38
CA ILE A 111 18.27 2.19 11.29
C ILE A 111 19.34 2.36 10.21
N LYS A 112 20.37 1.51 10.26
CA LYS A 112 21.46 1.55 9.28
C LYS A 112 20.95 1.27 7.87
N GLU A 113 20.01 0.33 7.73
CA GLU A 113 19.44 0.01 6.43
C GLU A 113 18.75 1.23 5.82
N ALA A 114 17.93 1.89 6.62
CA ALA A 114 17.22 3.08 6.17
C ALA A 114 18.19 4.22 5.83
N ALA A 115 19.21 4.38 6.67
CA ALA A 115 20.22 5.41 6.43
C ALA A 115 21.00 5.11 5.15
N LYS A 116 21.16 3.82 4.88
CA LYS A 116 21.80 3.37 3.65
C LYS A 116 20.91 3.66 2.46
N LEU A 117 19.63 3.33 2.58
CA LEU A 117 18.66 3.52 1.51
C LEU A 117 18.44 5.00 1.19
N THR A 118 18.84 5.87 2.12
CA THR A 118 18.66 7.31 1.95
C THR A 118 19.97 8.09 2.00
N HIS A 119 21.07 7.42 1.68
CA HIS A 119 22.35 8.07 1.40
C HIS A 119 22.88 8.97 2.51
N SER A 120 22.60 8.63 3.76
CA SER A 120 23.17 9.38 4.88
C SER A 120 24.12 8.52 5.70
N ASP A 121 24.11 7.21 5.47
CA ASP A 121 25.01 6.28 6.16
C ASP A 121 26.48 6.69 6.06
N HIS A 122 26.89 7.10 4.86
CA HIS A 122 28.29 7.38 4.59
C HIS A 122 28.84 8.50 5.48
N PHE A 123 28.17 9.65 5.49
CA PHE A 123 28.66 10.79 6.26
C PHE A 123 28.57 10.51 7.75
N ILE A 124 27.54 9.77 8.17
CA ILE A 124 27.41 9.37 9.57
C ILE A 124 28.62 8.55 10.01
N LYS A 125 29.07 7.64 9.16
CA LYS A 125 30.25 6.83 9.47
C LYS A 125 31.54 7.64 9.60
N HIS A 126 31.57 8.84 9.04
CA HIS A 126 32.77 9.69 9.12
C HIS A 126 32.74 10.62 10.33
N LEU A 127 31.56 10.72 10.95
CA LEU A 127 31.44 11.40 12.23
C LEU A 127 32.36 10.70 13.24
N PRO A 128 32.98 11.48 14.14
CA PRO A 128 34.00 11.00 15.08
C PRO A 128 33.62 9.72 15.85
N GLU A 129 32.34 9.53 16.18
CA GLU A 129 31.90 8.31 16.84
C GLU A 129 30.76 7.60 16.08
N GLY A 130 30.66 7.87 14.79
CA GLY A 130 29.68 7.21 13.95
C GLY A 130 28.25 7.49 14.41
N TYR A 131 27.45 6.43 14.51
CA TYR A 131 26.05 6.56 14.89
C TYR A 131 25.89 6.91 16.36
N GLU A 132 27.00 6.83 17.10
CA GLU A 132 26.98 7.15 18.52
C GLU A 132 27.41 8.59 18.75
N THR A 133 27.78 9.29 17.68
CA THR A 133 28.18 10.69 17.77
C THR A 133 27.08 11.55 18.39
N VAL A 134 27.41 12.28 19.44
CA VAL A 134 26.45 13.19 20.08
C VAL A 134 26.28 14.44 19.24
N LEU A 135 25.03 14.82 19.01
CA LEU A 135 24.73 15.99 18.18
C LEU A 135 24.47 17.21 19.05
N THR A 136 25.52 17.67 19.72
CA THR A 136 25.44 18.79 20.64
C THR A 136 24.87 20.05 19.97
N ASP A 137 24.21 20.89 20.77
CA ASP A 137 23.60 22.14 20.30
C ASP A 137 22.68 21.93 19.10
N ASN A 138 21.90 20.85 19.14
CA ASN A 138 20.88 20.56 18.13
C ASN A 138 21.41 20.47 16.70
N GLY A 139 22.58 19.86 16.54
CA GLY A 139 23.14 19.62 15.22
C GLY A 139 24.02 20.73 14.67
N GLU A 140 24.45 21.64 15.54
CA GLU A 140 25.31 22.76 15.16
C GLU A 140 26.54 22.36 14.33
N ASP A 141 27.21 21.29 14.76
CA ASP A 141 28.45 20.85 14.09
C ASP A 141 28.21 20.38 12.65
N LEU A 142 27.07 19.73 12.41
CA LEU A 142 26.73 19.24 11.07
C LEU A 142 26.42 20.38 10.12
N SER A 143 26.62 20.13 8.82
CA SER A 143 26.26 21.13 7.82
C SER A 143 24.75 21.09 7.60
N GLN A 144 24.21 22.15 6.99
CA GLN A 144 22.77 22.25 6.77
C GLN A 144 22.26 21.09 5.92
N GLY A 145 23.03 20.72 4.91
CA GLY A 145 22.69 19.59 4.07
C GLY A 145 22.64 18.28 4.84
N GLN A 146 23.59 18.09 5.74
CA GLN A 146 23.67 16.83 6.49
C GLN A 146 22.51 16.72 7.47
N ARG A 147 22.14 17.82 8.11
CA ARG A 147 20.98 17.84 8.98
C ARG A 147 19.70 17.51 8.20
N GLN A 148 19.61 18.01 6.97
CA GLN A 148 18.47 17.70 6.11
C GLN A 148 18.49 16.21 5.76
N LEU A 149 19.68 15.68 5.52
CA LEU A 149 19.88 14.25 5.27
C LEU A 149 19.29 13.40 6.40
N LEU A 150 19.63 13.74 7.64
CA LEU A 150 19.13 12.99 8.80
C LEU A 150 17.61 13.04 8.91
N ALA A 151 17.03 14.22 8.69
CA ALA A 151 15.58 14.39 8.75
C ALA A 151 14.90 13.50 7.71
N ILE A 152 15.52 13.36 6.55
CA ILE A 152 14.95 12.52 5.51
C ILE A 152 14.98 11.06 5.95
N THR A 153 16.12 10.60 6.45
CA THR A 153 16.23 9.23 6.94
C THR A 153 15.25 8.99 8.08
N ARG A 154 15.15 9.97 8.98
CA ARG A 154 14.20 9.93 10.09
C ARG A 154 12.77 9.74 9.59
N ALA A 155 12.39 10.51 8.58
CA ALA A 155 11.04 10.46 8.06
C ALA A 155 10.80 9.16 7.32
N PHE A 156 11.86 8.63 6.72
CA PHE A 156 11.79 7.36 6.02
C PHE A 156 11.47 6.24 7.02
N LEU A 157 12.09 6.29 8.19
CA LEU A 157 11.81 5.34 9.26
C LEU A 157 10.35 5.41 9.70
N ALA A 158 9.81 6.62 9.75
CA ALA A 158 8.47 6.84 10.27
C ALA A 158 7.38 6.37 9.30
N ASN A 159 7.75 6.31 8.02
CA ASN A 159 6.87 5.84 6.94
C ASN A 159 5.48 6.48 6.94
N PRO A 160 5.40 7.82 6.83
CA PRO A 160 4.08 8.46 6.79
C PRO A 160 3.44 8.27 5.43
N LYS A 161 2.14 8.46 5.34
CA LYS A 161 1.49 8.32 4.04
C LYS A 161 1.51 9.64 3.28
N ILE A 162 1.71 10.75 4.00
CA ILE A 162 1.83 12.06 3.37
C ILE A 162 3.13 12.76 3.75
N LEU A 163 3.81 13.30 2.73
CA LEU A 163 5.03 14.09 2.91
C LEU A 163 4.83 15.55 2.57
N ILE A 164 5.29 16.43 3.44
CA ILE A 164 5.32 17.85 3.15
C ILE A 164 6.76 18.32 3.17
N LEU A 165 7.23 18.77 2.01
CA LEU A 165 8.66 18.92 1.80
C LEU A 165 9.07 20.30 1.28
N ASP A 166 10.13 20.83 1.85
CA ASP A 166 10.91 21.85 1.18
C ASP A 166 11.80 21.19 0.16
N GLU A 167 12.23 21.95 -0.84
CA GLU A 167 13.28 21.49 -1.73
C GLU A 167 14.58 21.30 -0.96
N ALA A 168 15.43 20.40 -1.44
CA ALA A 168 16.79 20.27 -0.94
C ALA A 168 17.48 21.62 -0.87
N THR A 169 18.31 21.82 0.16
CA THR A 169 19.13 23.02 0.25
C THR A 169 20.15 23.05 -0.88
N SER A 170 20.46 24.24 -1.38
CA SER A 170 21.46 24.38 -2.43
C SER A 170 22.78 24.88 -1.89
N ASN A 171 22.74 25.51 -0.72
CA ASN A 171 23.97 25.93 -0.05
C ASN A 171 24.70 24.72 0.51
N VAL A 172 25.05 23.81 -0.39
CA VAL A 172 25.68 22.54 -0.05
C VAL A 172 26.75 22.24 -1.08
N ASP A 173 27.64 21.30 -0.75
CA ASP A 173 28.61 20.82 -1.73
C ASP A 173 27.86 19.97 -2.75
N THR A 174 28.42 19.86 -3.95
CA THR A 174 27.72 19.21 -5.06
C THR A 174 27.47 17.74 -4.77
N LYS A 175 28.43 17.09 -4.14
CA LYS A 175 28.31 15.69 -3.76
C LYS A 175 27.12 15.48 -2.80
N THR A 176 27.02 16.34 -1.80
CA THR A 176 25.94 16.25 -0.82
C THR A 176 24.58 16.56 -1.46
N GLU A 177 24.54 17.46 -2.44
CA GLU A 177 23.27 17.81 -3.07
C GLU A 177 22.69 16.63 -3.83
N LYS A 178 23.51 16.02 -4.69
CA LYS A 178 23.09 14.83 -5.42
C LYS A 178 22.66 13.74 -4.43
N SER A 179 23.36 13.68 -3.31
CA SER A 179 23.04 12.76 -2.24
C SER A 179 21.65 13.05 -1.66
N ILE A 180 21.40 14.30 -1.31
CA ILE A 180 20.11 14.70 -0.74
C ILE A 180 18.96 14.42 -1.70
N GLN A 181 19.19 14.67 -2.99
CA GLN A 181 18.15 14.52 -3.99
C GLN A 181 17.83 13.04 -4.23
N ALA A 182 18.85 12.19 -4.22
CA ALA A 182 18.63 10.76 -4.32
C ALA A 182 17.85 10.28 -3.09
N ALA A 183 18.22 10.79 -1.92
CA ALA A 183 17.55 10.45 -0.67
C ALA A 183 16.08 10.87 -0.68
N MET A 184 15.80 12.05 -1.24
CA MET A 184 14.43 12.54 -1.24
C MET A 184 13.56 11.74 -2.22
N TRP A 185 14.16 11.32 -3.33
CA TRP A 185 13.45 10.49 -4.29
C TRP A 185 13.03 9.18 -3.64
N LYS A 186 13.95 8.59 -2.88
CA LYS A 186 13.70 7.35 -2.16
C LYS A 186 12.58 7.53 -1.13
N LEU A 187 12.66 8.63 -0.38
CA LEU A 187 11.65 8.97 0.61
C LEU A 187 10.25 9.13 -0.01
N MET A 188 10.20 9.72 -1.21
CA MET A 188 8.91 10.04 -1.84
C MET A 188 8.25 8.83 -2.50
N GLU A 189 9.01 7.77 -2.70
CA GLU A 189 8.56 6.56 -3.37
C GLU A 189 7.25 5.99 -2.80
N GLY A 190 6.22 5.95 -3.63
CA GLY A 190 4.94 5.39 -3.23
C GLY A 190 4.21 6.20 -2.14
N LYS A 191 4.59 7.47 -1.99
CA LYS A 191 3.94 8.34 -1.02
C LYS A 191 3.45 9.63 -1.68
N THR A 192 2.37 10.16 -1.14
CA THR A 192 1.87 11.46 -1.55
C THR A 192 2.80 12.56 -1.04
N SER A 193 3.29 13.39 -1.95
CA SER A 193 4.31 14.36 -1.59
C SER A 193 3.91 15.77 -2.01
N ILE A 194 3.76 16.64 -1.01
CA ILE A 194 3.44 18.03 -1.24
C ILE A 194 4.71 18.84 -1.08
N ILE A 195 5.15 19.44 -2.17
CA ILE A 195 6.44 20.10 -2.22
C ILE A 195 6.25 21.59 -2.39
N ILE A 196 6.72 22.37 -1.42
CA ILE A 196 6.79 23.80 -1.59
C ILE A 196 7.94 24.02 -2.54
N ALA A 197 7.60 24.12 -3.82
CA ALA A 197 8.57 23.92 -4.89
C ALA A 197 9.24 25.22 -5.32
N HIS A 198 10.54 25.18 -5.55
CA HIS A 198 11.18 26.27 -6.27
C HIS A 198 12.24 25.80 -7.27
N ARG A 199 12.51 24.51 -7.33
CA ARG A 199 13.43 24.00 -8.35
C ARG A 199 12.71 23.71 -9.67
N LEU A 200 13.29 24.20 -10.76
CA LEU A 200 12.74 23.99 -12.11
C LEU A 200 12.43 22.53 -12.35
N ASN A 201 13.40 21.68 -12.02
CA ASN A 201 13.30 20.26 -12.30
C ASN A 201 12.14 19.58 -11.57
N THR A 202 11.87 19.99 -10.34
CA THR A 202 10.82 19.31 -9.59
C THR A 202 9.45 19.84 -10.02
N ILE A 203 9.40 21.13 -10.39
CA ILE A 203 8.16 21.67 -10.96
C ILE A 203 7.83 21.01 -12.32
N LYS A 204 8.84 20.82 -13.16
CA LYS A 204 8.64 20.19 -14.47
C LYS A 204 8.20 18.73 -14.39
N ASN A 205 8.58 18.04 -13.32
N ASN A 205 8.58 18.04 -13.32
CA ASN A 205 8.32 16.62 -13.21
CA ASN A 205 8.32 16.62 -13.21
C ASN A 205 7.19 16.28 -12.25
C ASN A 205 7.19 16.28 -12.25
N ALA A 206 6.58 17.29 -11.64
CA ALA A 206 5.48 17.06 -10.71
C ALA A 206 4.29 16.40 -11.41
N ASP A 207 3.56 15.54 -10.69
CA ASP A 207 2.34 14.94 -11.21
C ASP A 207 1.23 15.98 -11.32
N LEU A 208 1.35 17.05 -10.53
CA LEU A 208 0.36 18.11 -10.53
C LEU A 208 0.97 19.39 -9.97
N ILE A 209 0.70 20.51 -10.65
CA ILE A 209 1.13 21.80 -10.17
C ILE A 209 -0.09 22.59 -9.72
N ILE A 210 0.02 23.23 -8.57
CA ILE A 210 -1.03 24.10 -8.07
C ILE A 210 -0.46 25.49 -7.94
N VAL A 211 -0.95 26.41 -8.76
CA VAL A 211 -0.40 27.75 -8.81
C VAL A 211 -1.27 28.69 -8.00
N LEU A 212 -0.64 29.37 -7.04
CA LEU A 212 -1.36 30.24 -6.12
C LEU A 212 -0.97 31.69 -6.33
N ARG A 213 -1.96 32.56 -6.23
CA ARG A 213 -1.76 33.99 -6.30
C ARG A 213 -2.78 34.66 -5.40
N ASP A 214 -2.29 35.44 -4.45
N ASP A 214 -2.31 35.42 -4.43
CA ASP A 214 -3.10 36.14 -3.45
CA ASP A 214 -3.19 36.16 -3.52
C ASP A 214 -4.22 35.28 -2.87
C ASP A 214 -4.24 35.29 -2.84
N GLY A 215 -3.85 34.08 -2.44
CA GLY A 215 -4.77 33.19 -1.75
C GLY A 215 -5.80 32.45 -2.60
N GLU A 216 -5.57 32.40 -3.90
CA GLU A 216 -6.44 31.66 -4.80
C GLU A 216 -5.63 30.79 -5.73
N ILE A 217 -6.22 29.67 -6.16
CA ILE A 217 -5.63 28.86 -7.21
C ILE A 217 -5.96 29.50 -8.56
N VAL A 218 -4.94 29.89 -9.33
CA VAL A 218 -5.20 30.55 -10.61
C VAL A 218 -4.87 29.64 -11.79
N GLU A 219 -4.06 28.61 -11.55
CA GLU A 219 -3.78 27.59 -12.55
C GLU A 219 -3.49 26.27 -11.87
N MET A 220 -3.93 25.18 -12.50
CA MET A 220 -3.69 23.86 -11.95
C MET A 220 -3.56 22.81 -13.05
N GLY A 221 -2.50 22.03 -13.00
CA GLY A 221 -2.24 21.02 -14.02
C GLY A 221 -0.77 20.66 -14.10
N LYS A 222 -0.40 19.90 -15.12
CA LYS A 222 1.00 19.55 -15.32
C LYS A 222 1.71 20.65 -16.09
N HIS A 223 3.02 20.72 -15.92
CA HIS A 223 3.88 21.71 -16.56
C HIS A 223 3.62 21.88 -18.07
N ASP A 224 3.52 20.77 -18.78
CA ASP A 224 3.29 20.82 -20.23
C ASP A 224 1.97 21.51 -20.58
N GLU A 225 0.99 21.40 -19.70
CA GLU A 225 -0.30 22.04 -19.94
C GLU A 225 -0.23 23.54 -19.66
N LEU A 226 0.36 23.89 -18.53
CA LEU A 226 0.37 25.27 -18.09
C LEU A 226 1.31 26.13 -18.91
N ILE A 227 2.38 25.54 -19.43
CA ILE A 227 3.42 26.31 -20.09
C ILE A 227 3.03 26.74 -21.50
N GLN A 228 1.93 26.22 -22.04
CA GLN A 228 1.54 26.59 -23.40
C GLN A 228 0.48 27.69 -23.41
N LYS A 229 0.05 28.13 -22.23
CA LYS A 229 -0.74 29.36 -22.10
C LYS A 229 0.13 30.41 -21.41
N ARG A 230 -0.07 31.69 -21.71
CA ARG A 230 0.85 32.70 -21.19
C ARG A 230 0.29 33.43 -19.97
N GLY A 231 -0.06 32.66 -18.93
CA GLY A 231 -0.58 33.23 -17.70
C GLY A 231 0.48 33.41 -16.62
N PHE A 232 0.08 33.23 -15.36
CA PHE A 232 0.93 33.52 -14.22
C PHE A 232 2.05 32.51 -14.11
N TYR A 233 1.72 31.23 -14.32
CA TYR A 233 2.71 30.18 -14.30
C TYR A 233 3.84 30.49 -15.29
N TYR A 234 3.46 30.86 -16.50
CA TYR A 234 4.41 31.20 -17.55
C TYR A 234 5.31 32.34 -17.07
N GLU A 235 4.72 33.30 -16.36
CA GLU A 235 5.47 34.44 -15.84
C GLU A 235 6.46 34.00 -14.77
N LEU A 236 6.04 33.09 -13.90
CA LEU A 236 6.92 32.58 -12.85
C LEU A 236 8.06 31.78 -13.45
N PHE A 237 7.74 30.94 -14.41
CA PHE A 237 8.69 30.03 -15.02
C PHE A 237 9.78 30.74 -15.82
N THR A 238 9.44 31.85 -16.47
CA THR A 238 10.40 32.56 -17.29
C THR A 238 11.00 33.79 -16.60
N SER A 239 10.67 33.99 -15.33
CA SER A 239 11.07 35.22 -14.62
C SER A 239 12.58 35.41 -14.49
N GLN A 240 13.32 34.33 -14.70
CA GLN A 240 14.77 34.29 -14.45
C GLN A 240 15.56 34.07 -15.73
N TYR A 241 14.84 33.84 -16.82
CA TYR A 241 15.40 33.35 -18.07
C TYR A 241 16.62 34.11 -18.58
N GLY A 242 17.75 33.42 -18.65
CA GLY A 242 18.98 34.01 -19.17
C GLY A 242 19.71 34.92 -18.19
N LEU A 243 19.04 35.29 -17.10
CA LEU A 243 19.67 36.11 -16.07
C LEU A 243 20.73 35.28 -15.32
N VAL A 244 21.89 35.89 -15.14
CA VAL A 244 23.09 35.17 -14.76
C VAL A 244 23.05 34.47 -13.40
N VAL A 245 22.68 35.19 -12.36
CA VAL A 245 23.00 34.78 -11.00
C VAL A 245 21.76 34.39 -10.18
N GLU A 246 21.93 33.56 -9.15
CA GLU A 246 23.19 32.85 -8.83
C GLU A 246 22.95 31.34 -8.88
N LYS A 247 21.88 30.93 -8.21
CA LYS A 247 21.46 29.53 -8.14
C LYS A 247 20.50 29.23 -9.28
N GLU A 248 21.06 28.87 -10.44
CA GLU A 248 20.28 28.72 -11.68
C GLU A 248 19.22 27.63 -11.62
N ALA A 249 19.37 26.69 -10.68
CA ALA A 249 18.46 25.56 -10.57
C ALA A 249 17.05 25.99 -10.15
N ALA A 250 16.97 27.04 -9.34
CA ALA A 250 15.70 27.43 -8.72
C ALA A 250 15.19 28.81 -9.15
N LEU A 251 13.86 28.95 -9.14
CA LEU A 251 13.22 30.25 -9.33
C LEU A 251 13.27 31.03 -8.03
N GLU A 252 14.03 32.12 -8.03
CA GLU A 252 14.20 32.94 -6.84
C GLU A 252 12.87 33.52 -6.33
N VAL A 253 11.92 33.78 -7.23
CA VAL A 253 10.67 34.43 -6.85
C VAL A 253 9.73 33.46 -6.14
N LEU A 254 10.09 32.18 -6.11
CA LEU A 254 9.28 31.18 -5.42
C LEU A 254 9.67 30.99 -3.95
N PHE A 255 10.62 31.79 -3.46
CA PHE A 255 10.90 31.83 -2.02
C PHE A 255 11.31 33.23 -1.53
N GLN A 256 11.39 34.18 -2.46
CA GLN A 256 11.71 35.58 -2.13
C GLN A 256 11.00 36.54 -3.09
N SER B 2 -5.00 4.45 -31.10
CA SER B 2 -4.29 3.25 -31.51
C SER B 2 -3.08 3.59 -32.36
N GLY B 3 -2.37 2.56 -32.79
CA GLY B 3 -1.04 2.73 -33.35
C GLY B 3 -0.90 2.79 -34.87
N GLU B 4 -0.65 3.99 -35.36
CA GLU B 4 -0.21 4.20 -36.74
C GLU B 4 1.26 3.79 -36.82
N ILE B 5 1.61 3.00 -37.81
CA ILE B 5 2.99 2.59 -38.03
C ILE B 5 3.41 2.98 -39.45
N GLU B 6 4.60 3.54 -39.59
CA GLU B 6 5.14 3.84 -40.91
C GLU B 6 6.64 3.57 -41.00
N PHE B 7 7.01 2.74 -41.97
CA PHE B 7 8.41 2.54 -42.34
C PHE B 7 8.72 3.41 -43.55
N LYS B 8 9.65 4.34 -43.38
CA LYS B 8 10.08 5.21 -44.46
C LYS B 8 11.50 4.86 -44.93
N ASN B 9 11.58 4.10 -46.02
CA ASN B 9 12.85 3.79 -46.68
C ASN B 9 13.88 3.18 -45.74
N VAL B 10 13.47 2.17 -44.99
CA VAL B 10 14.31 1.60 -43.95
C VAL B 10 15.36 0.63 -44.49
N TRP B 11 16.62 0.97 -44.24
CA TRP B 11 17.74 0.07 -44.50
C TRP B 11 18.30 -0.39 -43.17
N PHE B 12 18.35 -1.70 -42.97
CA PHE B 12 19.03 -2.22 -41.78
C PHE B 12 19.88 -3.42 -42.09
N SER B 13 20.97 -3.54 -41.34
CA SER B 13 21.79 -4.73 -41.33
C SER B 13 22.27 -4.99 -39.92
N TYR B 14 22.45 -6.26 -39.56
CA TYR B 14 23.08 -6.58 -38.29
C TYR B 14 24.59 -6.43 -38.44
N ASP B 15 25.10 -6.98 -39.54
CA ASP B 15 26.51 -6.96 -39.88
C ASP B 15 27.08 -5.56 -40.02
N LYS B 16 26.23 -4.63 -40.44
CA LYS B 16 26.66 -3.34 -40.96
C LYS B 16 27.57 -3.56 -42.18
N LYS B 17 27.50 -4.76 -42.74
CA LYS B 17 28.25 -5.14 -43.93
C LYS B 17 27.33 -5.25 -45.12
N LYS B 18 26.54 -6.31 -45.15
CA LYS B 18 25.55 -6.53 -46.20
C LYS B 18 24.14 -6.42 -45.65
N PRO B 19 23.29 -5.61 -46.30
CA PRO B 19 21.95 -5.26 -45.82
C PRO B 19 20.99 -6.45 -45.69
N VAL B 20 20.28 -6.51 -44.56
CA VAL B 20 19.21 -7.48 -44.35
C VAL B 20 17.90 -6.92 -44.90
N LEU B 21 17.58 -5.69 -44.51
CA LEU B 21 16.43 -4.98 -45.06
C LEU B 21 16.90 -3.85 -45.94
N LYS B 22 16.24 -3.67 -47.07
CA LYS B 22 16.59 -2.58 -47.98
C LYS B 22 15.35 -1.87 -48.51
N ASP B 23 15.33 -0.56 -48.31
CA ASP B 23 14.29 0.30 -48.86
C ASP B 23 12.88 -0.12 -48.47
N ILE B 24 12.73 -0.64 -47.25
CA ILE B 24 11.43 -1.04 -46.72
C ILE B 24 10.54 0.19 -46.49
N THR B 25 9.39 0.20 -47.15
CA THR B 25 8.48 1.35 -47.08
C THR B 25 7.02 0.93 -47.06
N PHE B 26 6.36 1.15 -45.92
CA PHE B 26 4.94 0.87 -45.84
C PHE B 26 4.26 1.74 -44.78
N HIS B 27 2.94 1.77 -44.84
CA HIS B 27 2.13 2.55 -43.91
C HIS B 27 0.98 1.71 -43.40
N ILE B 28 0.80 1.71 -42.07
CA ILE B 28 -0.26 0.95 -41.44
C ILE B 28 -1.18 1.88 -40.67
N LYS B 29 -2.45 1.92 -41.07
CA LYS B 29 -3.41 2.77 -40.39
C LYS B 29 -3.80 2.12 -39.07
N PRO B 30 -4.18 2.92 -38.06
CA PRO B 30 -4.54 2.36 -36.76
C PRO B 30 -5.76 1.45 -36.83
N GLY B 31 -5.67 0.29 -36.19
CA GLY B 31 -6.77 -0.67 -36.16
C GLY B 31 -6.64 -1.77 -37.19
N GLN B 32 -5.73 -1.60 -38.15
CA GLN B 32 -5.60 -2.55 -39.24
C GLN B 32 -4.94 -3.85 -38.81
N LYS B 33 -5.42 -4.96 -39.37
CA LYS B 33 -4.75 -6.24 -39.23
C LYS B 33 -3.78 -6.42 -40.39
N VAL B 34 -2.50 -6.61 -40.07
CA VAL B 34 -1.49 -6.71 -41.11
C VAL B 34 -0.80 -8.06 -41.11
N ALA B 35 -0.83 -8.71 -42.27
CA ALA B 35 -0.17 -10.00 -42.45
C ALA B 35 1.19 -9.84 -43.12
N LEU B 36 2.25 -10.10 -42.35
CA LEU B 36 3.60 -10.18 -42.91
C LEU B 36 3.82 -11.58 -43.45
N VAL B 37 3.88 -11.74 -44.77
CA VAL B 37 4.09 -13.07 -45.32
C VAL B 37 5.40 -13.15 -46.09
N GLY B 38 5.93 -14.36 -46.22
CA GLY B 38 7.19 -14.60 -46.90
C GLY B 38 7.95 -15.75 -46.27
N PRO B 39 9.00 -16.23 -46.95
CA PRO B 39 9.82 -17.34 -46.43
C PRO B 39 10.58 -16.93 -45.16
N THR B 40 11.05 -17.92 -44.41
CA THR B 40 11.92 -17.65 -43.27
C THR B 40 13.15 -16.88 -43.73
N GLY B 41 13.52 -15.85 -42.96
CA GLY B 41 14.69 -15.05 -43.28
C GLY B 41 14.48 -14.00 -44.34
N SER B 42 13.23 -13.83 -44.77
CA SER B 42 12.93 -12.84 -45.81
C SER B 42 12.89 -11.43 -45.23
N GLY B 43 12.98 -11.32 -43.90
CA GLY B 43 13.08 -10.03 -43.23
C GLY B 43 12.00 -9.76 -42.22
N LYS B 44 11.05 -10.69 -42.09
CA LYS B 44 9.91 -10.53 -41.19
C LYS B 44 10.37 -10.33 -39.76
N THR B 45 11.32 -11.16 -39.34
CA THR B 45 11.83 -11.09 -37.98
C THR B 45 12.56 -9.77 -37.76
N THR B 46 13.26 -9.31 -38.78
CA THR B 46 14.05 -8.09 -38.63
C THR B 46 13.12 -6.88 -38.53
N ILE B 47 12.05 -6.88 -39.34
CA ILE B 47 11.04 -5.82 -39.27
C ILE B 47 10.44 -5.71 -37.87
N VAL B 48 10.12 -6.86 -37.29
CA VAL B 48 9.60 -6.96 -35.94
C VAL B 48 10.65 -6.52 -34.90
N ASN B 49 11.91 -6.88 -35.12
CA ASN B 49 12.98 -6.49 -34.20
C ASN B 49 13.19 -4.97 -34.19
N LEU B 50 13.05 -4.35 -35.36
CA LEU B 50 13.20 -2.90 -35.49
C LEU B 50 12.02 -2.16 -34.87
N LEU B 51 10.82 -2.64 -35.14
CA LEU B 51 9.61 -2.04 -34.57
C LEU B 51 9.60 -2.12 -33.04
N MET B 52 10.23 -3.16 -32.50
CA MET B 52 10.33 -3.31 -31.06
C MET B 52 11.60 -2.62 -30.57
N ARG B 53 12.35 -2.08 -31.53
CA ARG B 53 13.58 -1.33 -31.27
C ARG B 53 14.64 -2.10 -30.49
N PHE B 54 14.90 -3.33 -30.92
CA PHE B 54 16.08 -4.05 -30.44
C PHE B 54 17.31 -3.43 -31.08
N TYR B 55 17.09 -2.80 -32.22
CA TYR B 55 18.13 -2.06 -32.94
C TYR B 55 17.52 -0.80 -33.52
N ASP B 56 18.35 0.14 -33.94
CA ASP B 56 17.89 1.28 -34.71
C ASP B 56 18.19 1.05 -36.18
N VAL B 57 17.49 1.77 -37.04
CA VAL B 57 17.70 1.62 -38.48
C VAL B 57 19.03 2.21 -38.88
N ASP B 58 19.61 1.67 -39.94
CA ASP B 58 20.85 2.20 -40.49
C ASP B 58 20.52 3.43 -41.35
N ARG B 59 19.43 3.31 -42.11
CA ARG B 59 18.92 4.42 -42.93
C ARG B 59 17.40 4.50 -42.84
N GLY B 60 16.86 5.69 -43.02
CA GLY B 60 15.41 5.88 -43.01
C GLY B 60 14.84 6.12 -41.63
N GLN B 61 13.53 6.01 -41.50
CA GLN B 61 12.89 6.27 -40.22
C GLN B 61 11.69 5.38 -39.99
N ILE B 62 11.46 5.04 -38.72
CA ILE B 62 10.24 4.35 -38.32
C ILE B 62 9.41 5.27 -37.43
N LEU B 63 8.14 5.44 -37.78
CA LEU B 63 7.24 6.29 -37.00
C LEU B 63 6.14 5.49 -36.34
N VAL B 64 5.90 5.79 -35.07
CA VAL B 64 4.71 5.29 -34.38
C VAL B 64 3.86 6.48 -33.99
N ASP B 65 2.71 6.60 -34.65
CA ASP B 65 1.79 7.72 -34.44
C ASP B 65 2.49 9.07 -34.70
N GLY B 66 3.31 9.11 -35.75
CA GLY B 66 3.94 10.33 -36.19
C GLY B 66 5.28 10.67 -35.55
N ILE B 67 5.70 9.88 -34.57
CA ILE B 67 6.93 10.16 -33.84
C ILE B 67 8.01 9.10 -34.06
N ASP B 68 9.20 9.53 -34.45
CA ASP B 68 10.34 8.63 -34.62
C ASP B 68 10.54 7.82 -33.34
N ILE B 69 10.61 6.50 -33.50
CA ILE B 69 10.69 5.58 -32.37
C ILE B 69 11.99 5.77 -31.60
N ARG B 70 12.96 6.44 -32.22
CA ARG B 70 14.19 6.79 -31.53
C ARG B 70 13.97 7.93 -30.53
N LYS B 71 12.87 8.67 -30.70
CA LYS B 71 12.58 9.80 -29.82
C LYS B 71 11.50 9.48 -28.82
N ILE B 72 11.21 8.18 -28.65
CA ILE B 72 10.23 7.75 -27.67
C ILE B 72 10.94 7.03 -26.53
N LYS B 73 10.59 7.38 -25.30
CA LYS B 73 11.14 6.73 -24.12
C LYS B 73 10.97 5.22 -24.24
N ARG B 74 11.99 4.46 -23.85
CA ARG B 74 12.00 3.02 -24.00
C ARG B 74 10.81 2.35 -23.33
N SER B 75 10.45 2.83 -22.13
CA SER B 75 9.41 2.22 -21.33
C SER B 75 8.02 2.34 -21.96
N SER B 76 7.74 3.49 -22.55
CA SER B 76 6.43 3.72 -23.15
C SER B 76 6.29 2.94 -24.46
N LEU B 77 7.37 2.82 -25.22
CA LEU B 77 7.35 2.04 -26.46
C LEU B 77 7.03 0.59 -26.16
N ARG B 78 7.67 0.04 -25.12
CA ARG B 78 7.43 -1.35 -24.75
C ARG B 78 6.07 -1.51 -24.06
N SER B 79 5.58 -0.44 -23.45
CA SER B 79 4.25 -0.48 -22.83
C SER B 79 3.15 -0.45 -23.89
N SER B 80 3.47 0.09 -25.05
CA SER B 80 2.47 0.29 -26.09
C SER B 80 2.44 -0.86 -27.09
N ILE B 81 3.41 -1.77 -26.99
CA ILE B 81 3.48 -2.90 -27.89
C ILE B 81 3.40 -4.22 -27.16
N GLY B 82 2.30 -4.94 -27.36
CA GLY B 82 2.16 -6.27 -26.80
C GLY B 82 2.69 -7.31 -27.77
N ILE B 83 3.20 -8.42 -27.22
CA ILE B 83 3.77 -9.48 -28.03
C ILE B 83 3.25 -10.84 -27.54
N VAL B 84 2.83 -11.68 -28.48
CA VAL B 84 2.43 -13.04 -28.15
C VAL B 84 3.07 -14.03 -29.12
N LEU B 85 3.80 -14.99 -28.57
CA LEU B 85 4.57 -15.94 -29.37
C LEU B 85 3.95 -17.33 -29.43
N GLN B 86 4.55 -18.20 -30.23
CA GLN B 86 4.16 -19.60 -30.32
C GLN B 86 4.37 -20.32 -28.98
N ASP B 87 5.64 -20.42 -28.60
CA ASP B 87 6.05 -21.15 -27.40
C ASP B 87 6.29 -20.16 -26.26
N THR B 88 5.24 -19.53 -25.77
CA THR B 88 5.37 -18.50 -24.75
C THR B 88 5.88 -19.06 -23.42
N ILE B 89 6.55 -18.22 -22.64
CA ILE B 89 7.19 -18.63 -21.41
C ILE B 89 6.71 -17.76 -20.23
N LEU B 90 6.50 -18.39 -19.08
CA LEU B 90 5.90 -17.69 -17.93
C LEU B 90 6.82 -17.68 -16.72
N PHE B 91 6.34 -17.07 -15.63
CA PHE B 91 7.13 -16.93 -14.41
C PHE B 91 6.66 -17.91 -13.33
N SER B 92 7.56 -18.24 -12.42
CA SER B 92 7.26 -19.22 -11.38
C SER B 92 6.56 -18.61 -10.18
N THR B 93 5.42 -17.98 -10.43
CA THR B 93 4.53 -17.53 -9.36
C THR B 93 3.11 -17.95 -9.69
N THR B 94 2.14 -17.41 -8.94
CA THR B 94 0.74 -17.77 -9.13
C THR B 94 0.22 -17.25 -10.48
N VAL B 95 -0.78 -17.95 -11.01
CA VAL B 95 -1.45 -17.55 -12.23
C VAL B 95 -1.88 -16.09 -12.19
N LYS B 96 -2.44 -15.67 -11.06
CA LYS B 96 -2.93 -14.31 -10.90
C LYS B 96 -1.81 -13.28 -11.04
N GLU B 97 -0.69 -13.56 -10.40
CA GLU B 97 0.45 -12.64 -10.43
C GLU B 97 1.05 -12.57 -11.84
N ASN B 98 0.92 -13.66 -12.59
CA ASN B 98 1.37 -13.67 -13.98
C ASN B 98 0.55 -12.73 -14.86
N LEU B 99 -0.77 -12.82 -14.71
CA LEU B 99 -1.67 -11.93 -15.41
C LEU B 99 -1.55 -10.49 -14.89
N LYS B 100 -1.11 -10.35 -13.64
CA LYS B 100 -0.95 -9.04 -13.03
C LYS B 100 0.16 -8.24 -13.71
N TYR B 101 1.15 -8.92 -14.25
CA TYR B 101 2.14 -8.25 -15.10
C TYR B 101 1.38 -7.69 -16.30
N GLY B 102 1.76 -6.49 -16.74
CA GLY B 102 1.08 -5.87 -17.86
C GLY B 102 -0.02 -4.93 -17.39
N ASN B 103 -0.72 -5.32 -16.33
CA ASN B 103 -1.67 -4.42 -15.68
C ASN B 103 -1.56 -4.50 -14.15
N PRO B 104 -0.42 -4.06 -13.59
CA PRO B 104 -0.33 -4.07 -12.14
C PRO B 104 -1.34 -3.10 -11.54
N GLY B 105 -1.83 -3.41 -10.34
CA GLY B 105 -2.83 -2.57 -9.71
C GLY B 105 -4.23 -2.93 -10.14
N ALA B 106 -4.35 -3.77 -11.17
CA ALA B 106 -5.65 -4.31 -11.56
C ALA B 106 -6.15 -5.19 -10.43
N THR B 107 -7.39 -4.98 -10.02
CA THR B 107 -8.00 -5.78 -8.97
C THR B 107 -8.11 -7.24 -9.40
N ASP B 108 -8.31 -8.12 -8.43
CA ASP B 108 -8.47 -9.53 -8.70
C ASP B 108 -9.68 -9.78 -9.58
N GLU B 109 -10.68 -8.92 -9.46
CA GLU B 109 -11.90 -9.04 -10.24
C GLU B 109 -11.66 -8.64 -11.70
N GLU B 110 -10.87 -7.59 -11.90
CA GLU B 110 -10.56 -7.11 -13.25
C GLU B 110 -9.82 -8.19 -14.02
N ILE B 111 -8.93 -8.88 -13.31
CA ILE B 111 -8.16 -9.97 -13.88
C ILE B 111 -9.07 -11.12 -14.31
N LYS B 112 -10.06 -11.42 -13.49
CA LYS B 112 -11.00 -12.50 -13.77
C LYS B 112 -11.89 -12.18 -14.97
N GLU B 113 -12.45 -10.98 -14.98
CA GLU B 113 -13.27 -10.52 -16.09
C GLU B 113 -12.47 -10.58 -17.39
N ALA B 114 -11.20 -10.22 -17.32
CA ALA B 114 -10.33 -10.28 -18.49
C ALA B 114 -10.14 -11.72 -18.97
N ALA B 115 -9.98 -12.63 -18.02
CA ALA B 115 -9.75 -14.04 -18.33
C ALA B 115 -11.00 -14.69 -18.93
N LYS B 116 -12.17 -14.23 -18.49
CA LYS B 116 -13.43 -14.73 -19.06
C LYS B 116 -13.57 -14.27 -20.51
N LEU B 117 -13.28 -12.99 -20.74
CA LEU B 117 -13.39 -12.40 -22.08
C LEU B 117 -12.38 -12.98 -23.05
N THR B 118 -11.26 -13.48 -22.53
CA THR B 118 -10.25 -14.08 -23.39
C THR B 118 -10.17 -15.59 -23.20
N HIS B 119 -11.28 -16.18 -22.75
CA HIS B 119 -11.47 -17.64 -22.72
C HIS B 119 -10.36 -18.42 -22.03
N SER B 120 -9.80 -17.86 -20.96
CA SER B 120 -8.77 -18.58 -20.21
C SER B 120 -9.26 -18.94 -18.81
N ASP B 121 -10.27 -18.23 -18.34
CA ASP B 121 -10.79 -18.39 -16.99
C ASP B 121 -11.16 -19.85 -16.66
N HIS B 122 -11.67 -20.58 -17.63
CA HIS B 122 -12.16 -21.93 -17.38
C HIS B 122 -11.06 -22.89 -16.96
N PHE B 123 -9.98 -22.98 -17.74
CA PHE B 123 -8.93 -23.95 -17.43
C PHE B 123 -8.17 -23.51 -16.18
N ILE B 124 -8.15 -22.20 -15.93
CA ILE B 124 -7.53 -21.65 -14.72
C ILE B 124 -8.30 -22.12 -13.49
N LYS B 125 -9.63 -22.10 -13.58
CA LYS B 125 -10.48 -22.58 -12.49
C LYS B 125 -10.26 -24.08 -12.19
N HIS B 126 -9.88 -24.84 -13.19
CA HIS B 126 -9.68 -26.28 -13.02
C HIS B 126 -8.31 -26.61 -12.45
N LEU B 127 -7.46 -25.61 -12.34
CA LEU B 127 -6.17 -25.78 -11.67
C LEU B 127 -6.42 -26.03 -10.18
N PRO B 128 -5.58 -26.88 -9.56
CA PRO B 128 -5.73 -27.31 -8.17
C PRO B 128 -6.03 -26.18 -7.18
N GLU B 129 -5.47 -25.00 -7.43
CA GLU B 129 -5.70 -23.86 -6.54
C GLU B 129 -6.21 -22.63 -7.28
N GLY B 130 -6.88 -22.85 -8.41
CA GLY B 130 -7.46 -21.77 -9.19
C GLY B 130 -6.46 -20.72 -9.63
N TYR B 131 -6.78 -19.45 -9.38
CA TYR B 131 -5.87 -18.36 -9.72
C TYR B 131 -4.69 -18.28 -8.76
N GLU B 132 -4.71 -19.10 -7.71
CA GLU B 132 -3.64 -19.08 -6.71
C GLU B 132 -2.62 -20.19 -6.96
N THR B 133 -2.82 -20.94 -8.04
CA THR B 133 -1.92 -22.02 -8.39
C THR B 133 -0.60 -21.48 -8.91
N VAL B 134 0.51 -21.89 -8.29
CA VAL B 134 1.82 -21.46 -8.74
C VAL B 134 2.21 -22.24 -9.99
N LEU B 135 2.93 -21.58 -10.88
CA LEU B 135 3.34 -22.20 -12.14
C LEU B 135 4.79 -22.64 -12.06
N THR B 136 5.00 -23.83 -11.52
CA THR B 136 6.35 -24.33 -11.24
C THR B 136 7.16 -24.68 -12.49
N ASP B 137 8.32 -24.05 -12.61
CA ASP B 137 9.38 -24.47 -13.53
C ASP B 137 9.13 -24.55 -15.04
N ASN B 138 8.50 -23.58 -15.70
CA ASN B 138 7.65 -22.56 -15.12
C ASN B 138 6.47 -22.40 -16.06
N GLY B 139 5.43 -23.19 -15.81
CA GLY B 139 4.33 -23.33 -16.73
C GLY B 139 4.48 -24.64 -17.47
N GLU B 140 5.48 -25.42 -17.06
CA GLU B 140 5.75 -26.72 -17.68
C GLU B 140 4.63 -27.71 -17.38
N ASP B 141 3.86 -27.43 -16.33
CA ASP B 141 2.71 -28.24 -16.00
C ASP B 141 1.45 -27.74 -16.72
N LEU B 142 1.67 -26.94 -17.76
CA LEU B 142 0.58 -26.48 -18.61
C LEU B 142 0.87 -26.86 -20.06
N SER B 143 -0.18 -26.91 -20.87
CA SER B 143 -0.01 -27.17 -22.29
C SER B 143 0.49 -25.91 -22.98
N GLN B 144 1.05 -26.06 -24.18
CA GLN B 144 1.51 -24.93 -24.96
C GLN B 144 0.33 -24.02 -25.27
N GLY B 145 -0.84 -24.62 -25.46
CA GLY B 145 -2.06 -23.87 -25.70
C GLY B 145 -2.49 -23.05 -24.50
N GLN B 146 -2.54 -23.69 -23.33
CA GLN B 146 -2.89 -23.00 -22.09
C GLN B 146 -1.89 -21.89 -21.77
N ARG B 147 -0.62 -22.15 -22.07
CA ARG B 147 0.43 -21.17 -21.86
C ARG B 147 0.20 -19.95 -22.75
N GLN B 148 -0.16 -20.20 -24.00
CA GLN B 148 -0.42 -19.12 -24.95
C GLN B 148 -1.72 -18.42 -24.60
N LEU B 149 -2.61 -19.14 -23.91
CA LEU B 149 -3.88 -18.57 -23.48
C LEU B 149 -3.65 -17.53 -22.39
N LEU B 150 -2.70 -17.81 -21.49
CA LEU B 150 -2.36 -16.87 -20.43
C LEU B 150 -1.67 -15.63 -20.98
N ALA B 151 -0.84 -15.82 -21.99
CA ALA B 151 -0.14 -14.72 -22.64
C ALA B 151 -1.15 -13.76 -23.29
N ILE B 152 -2.14 -14.33 -23.96
CA ILE B 152 -3.20 -13.54 -24.58
C ILE B 152 -3.92 -12.68 -23.55
N THR B 153 -4.32 -13.31 -22.45
CA THR B 153 -5.03 -12.61 -21.38
C THR B 153 -4.15 -11.52 -20.77
N ARG B 154 -2.88 -11.84 -20.55
CA ARG B 154 -1.95 -10.88 -19.97
C ARG B 154 -1.81 -9.66 -20.88
N ALA B 155 -1.74 -9.91 -22.18
CA ALA B 155 -1.63 -8.82 -23.15
C ALA B 155 -2.92 -8.01 -23.18
N PHE B 156 -4.05 -8.70 -23.01
CA PHE B 156 -5.35 -8.04 -22.97
C PHE B 156 -5.46 -7.10 -21.77
N LEU B 157 -4.90 -7.52 -20.63
CA LEU B 157 -4.87 -6.68 -19.44
C LEU B 157 -4.08 -5.39 -19.69
N ALA B 158 -3.01 -5.51 -20.45
CA ALA B 158 -2.11 -4.38 -20.69
C ALA B 158 -2.72 -3.38 -21.68
N ASN B 159 -3.57 -3.86 -22.58
CA ASN B 159 -4.23 -3.03 -23.58
C ASN B 159 -3.28 -2.17 -24.41
N PRO B 160 -2.29 -2.79 -25.07
CA PRO B 160 -1.37 -1.98 -25.87
C PRO B 160 -2.04 -1.50 -27.14
N LYS B 161 -1.49 -0.48 -27.79
CA LYS B 161 -2.10 0.03 -29.00
C LYS B 161 -1.61 -0.74 -30.23
N ILE B 162 -0.60 -1.59 -30.01
CA ILE B 162 0.02 -2.35 -31.10
C ILE B 162 0.31 -3.79 -30.68
N LEU B 163 -0.18 -4.75 -31.45
CA LEU B 163 0.09 -6.15 -31.20
C LEU B 163 1.01 -6.78 -32.24
N ILE B 164 1.97 -7.56 -31.79
CA ILE B 164 2.78 -8.37 -32.70
C ILE B 164 2.57 -9.84 -32.35
N LEU B 165 1.92 -10.57 -33.26
CA LEU B 165 1.48 -11.93 -32.95
C LEU B 165 2.12 -12.96 -33.88
N ASP B 166 2.50 -14.10 -33.30
CA ASP B 166 2.98 -15.25 -34.07
C ASP B 166 1.86 -16.25 -34.18
N GLU B 167 1.32 -16.40 -35.38
CA GLU B 167 0.08 -17.15 -35.62
C GLU B 167 -0.04 -18.47 -34.87
N ALA B 168 -1.18 -18.66 -34.21
CA ALA B 168 -1.43 -19.86 -33.40
C ALA B 168 -1.45 -21.15 -34.24
N ASP B 173 -4.13 -29.24 -29.84
CA ASP B 173 -4.95 -28.27 -30.55
C ASP B 173 -6.43 -28.35 -30.17
N THR B 174 -7.25 -28.74 -31.15
CA THR B 174 -8.70 -28.52 -31.18
C THR B 174 -9.44 -28.36 -29.83
N LYS B 175 -9.20 -29.26 -28.88
CA LYS B 175 -9.96 -29.23 -27.61
C LYS B 175 -9.75 -27.94 -26.82
N THR B 176 -8.68 -27.20 -27.12
CA THR B 176 -8.42 -25.91 -26.48
C THR B 176 -8.14 -24.86 -27.56
N GLU B 177 -7.84 -25.31 -28.77
CA GLU B 177 -7.68 -24.41 -29.91
C GLU B 177 -8.91 -23.53 -30.06
N LYS B 178 -10.07 -24.10 -29.79
CA LYS B 178 -11.33 -23.37 -29.78
C LYS B 178 -11.18 -22.05 -29.04
N SER B 179 -10.67 -22.13 -27.82
CA SER B 179 -10.46 -20.96 -26.97
C SER B 179 -9.45 -19.97 -27.58
N ILE B 180 -8.33 -20.48 -28.09
CA ILE B 180 -7.26 -19.61 -28.59
C ILE B 180 -7.73 -18.74 -29.75
N GLN B 181 -8.51 -19.33 -30.65
CA GLN B 181 -9.09 -18.60 -31.78
C GLN B 181 -9.88 -17.38 -31.34
N ALA B 182 -10.85 -17.61 -30.44
CA ALA B 182 -11.74 -16.57 -29.95
C ALA B 182 -10.98 -15.55 -29.11
N ALA B 183 -10.02 -16.03 -28.34
CA ALA B 183 -9.22 -15.15 -27.48
C ALA B 183 -8.38 -14.19 -28.31
N MET B 184 -7.73 -14.73 -29.34
CA MET B 184 -6.85 -13.93 -30.18
C MET B 184 -7.64 -12.87 -30.94
N TRP B 185 -8.84 -13.24 -31.38
CA TRP B 185 -9.73 -12.31 -32.06
C TRP B 185 -10.17 -11.20 -31.12
N LYS B 186 -10.50 -11.56 -29.89
CA LYS B 186 -10.92 -10.59 -28.87
C LYS B 186 -9.78 -9.64 -28.50
N LEU B 187 -8.58 -10.19 -28.38
CA LEU B 187 -7.39 -9.39 -28.11
C LEU B 187 -7.11 -8.39 -29.23
N MET B 188 -7.36 -8.81 -30.47
CA MET B 188 -7.09 -7.97 -31.62
C MET B 188 -8.13 -6.88 -31.84
N GLU B 189 -9.30 -7.02 -31.22
CA GLU B 189 -10.36 -6.04 -31.38
C GLU B 189 -9.84 -4.65 -31.04
N GLY B 190 -9.92 -3.74 -32.01
CA GLY B 190 -9.59 -2.35 -31.81
C GLY B 190 -8.10 -2.02 -31.77
N LYS B 191 -7.26 -3.00 -32.05
CA LYS B 191 -5.81 -2.77 -32.03
C LYS B 191 -5.14 -3.06 -33.37
N THR B 192 -4.19 -2.21 -33.74
CA THR B 192 -3.26 -2.52 -34.83
C THR B 192 -2.54 -3.83 -34.53
N SER B 193 -2.61 -4.77 -35.47
CA SER B 193 -2.03 -6.08 -35.26
C SER B 193 -1.06 -6.46 -36.37
N ILE B 194 0.18 -6.71 -35.98
CA ILE B 194 1.19 -7.18 -36.92
C ILE B 194 1.29 -8.69 -36.76
N ILE B 195 0.90 -9.41 -37.79
CA ILE B 195 0.85 -10.85 -37.71
C ILE B 195 1.84 -11.50 -38.66
N ILE B 196 2.83 -12.17 -38.10
CA ILE B 196 3.64 -13.07 -38.91
C ILE B 196 2.73 -14.25 -39.21
N ALA B 197 2.08 -14.18 -40.38
CA ALA B 197 0.91 -14.99 -40.68
C ALA B 197 1.23 -16.37 -41.20
N HIS B 198 0.47 -17.36 -40.73
CA HIS B 198 0.66 -18.75 -41.13
C HIS B 198 -0.61 -19.37 -41.74
N ARG B 199 -1.78 -18.88 -41.31
CA ARG B 199 -3.04 -19.48 -41.72
C ARG B 199 -3.66 -18.80 -42.93
N LEU B 200 -4.26 -19.60 -43.81
CA LEU B 200 -4.88 -19.11 -45.03
C LEU B 200 -5.93 -18.05 -44.77
N ASN B 201 -6.78 -18.30 -43.78
CA ASN B 201 -7.92 -17.44 -43.54
C ASN B 201 -7.54 -16.10 -42.95
N THR B 202 -6.47 -16.07 -42.14
CA THR B 202 -6.06 -14.81 -41.55
C THR B 202 -5.33 -13.96 -42.60
N ILE B 203 -4.65 -14.62 -43.54
CA ILE B 203 -4.07 -13.91 -44.68
C ILE B 203 -5.18 -13.42 -45.62
N LYS B 204 -6.16 -14.30 -45.85
CA LYS B 204 -7.27 -13.98 -46.74
C LYS B 204 -8.06 -12.77 -46.27
N ASN B 205 -8.12 -12.57 -44.96
CA ASN B 205 -8.93 -11.49 -44.40
C ASN B 205 -8.12 -10.35 -43.79
N ALA B 206 -6.83 -10.32 -44.05
CA ALA B 206 -6.00 -9.22 -43.56
C ALA B 206 -6.42 -7.91 -44.21
N ASP B 207 -6.30 -6.81 -43.46
CA ASP B 207 -6.56 -5.49 -44.02
C ASP B 207 -5.45 -5.11 -44.99
N LEU B 208 -4.28 -5.69 -44.79
CA LEU B 208 -3.12 -5.42 -45.64
C LEU B 208 -2.13 -6.58 -45.60
N ILE B 209 -1.70 -7.01 -46.78
CA ILE B 209 -0.68 -8.04 -46.86
C ILE B 209 0.63 -7.41 -47.31
N ILE B 210 1.69 -7.72 -46.58
CA ILE B 210 3.03 -7.28 -46.94
C ILE B 210 3.85 -8.51 -47.30
N VAL B 211 4.13 -8.69 -48.58
CA VAL B 211 4.89 -9.83 -49.03
C VAL B 211 6.37 -9.48 -49.17
N LEU B 212 7.22 -10.24 -48.50
CA LEU B 212 8.66 -9.97 -48.48
C LEU B 212 9.46 -11.11 -49.11
N ARG B 213 10.52 -10.75 -49.82
CA ARG B 213 11.47 -11.73 -50.33
C ARG B 213 12.86 -11.12 -50.33
N ASP B 214 13.79 -11.81 -49.66
CA ASP B 214 15.19 -11.36 -49.57
C ASP B 214 15.32 -9.92 -49.09
N GLY B 215 14.55 -9.56 -48.08
CA GLY B 215 14.68 -8.27 -47.43
C GLY B 215 14.11 -7.10 -48.22
N GLU B 216 13.23 -7.41 -49.16
CA GLU B 216 12.54 -6.39 -49.94
C GLU B 216 11.06 -6.69 -50.01
N ILE B 217 10.25 -5.65 -50.08
CA ILE B 217 8.83 -5.83 -50.29
C ILE B 217 8.54 -6.00 -51.78
N VAL B 218 8.09 -7.19 -52.18
CA VAL B 218 7.84 -7.47 -53.58
C VAL B 218 6.38 -7.17 -53.96
N GLU B 219 5.46 -7.35 -53.02
CA GLU B 219 4.05 -7.11 -53.26
C GLU B 219 3.40 -6.59 -51.99
N MET B 220 2.33 -5.81 -52.15
CA MET B 220 1.66 -5.21 -51.01
C MET B 220 0.24 -4.82 -51.36
N GLY B 221 -0.73 -5.38 -50.63
CA GLY B 221 -2.13 -5.10 -50.87
C GLY B 221 -3.02 -6.12 -50.20
N LYS B 222 -4.30 -6.12 -50.54
CA LYS B 222 -5.23 -7.10 -50.00
C LYS B 222 -5.19 -8.38 -50.83
N HIS B 223 -5.67 -9.47 -50.25
CA HIS B 223 -5.68 -10.77 -50.93
C HIS B 223 -6.35 -10.69 -52.30
N ASP B 224 -7.48 -10.00 -52.38
CA ASP B 224 -8.25 -9.92 -53.62
C ASP B 224 -7.51 -9.17 -54.71
N GLU B 225 -6.57 -8.32 -54.32
CA GLU B 225 -5.79 -7.55 -55.28
C GLU B 225 -4.59 -8.36 -55.76
N LEU B 226 -3.90 -8.98 -54.83
CA LEU B 226 -2.66 -9.68 -55.12
C LEU B 226 -2.90 -11.02 -55.83
N ILE B 227 -4.06 -11.63 -55.60
CA ILE B 227 -4.36 -12.93 -56.18
C ILE B 227 -4.67 -12.81 -57.67
N GLN B 228 -4.82 -11.57 -58.14
CA GLN B 228 -5.13 -11.33 -59.55
C GLN B 228 -3.88 -11.32 -60.41
N LYS B 229 -2.77 -10.89 -59.82
CA LYS B 229 -1.56 -10.58 -60.59
C LYS B 229 -0.68 -11.77 -60.93
N ARG B 230 -0.75 -12.82 -60.11
CA ARG B 230 0.05 -14.03 -60.33
C ARG B 230 1.55 -13.78 -60.20
N GLY B 231 1.94 -13.18 -59.07
CA GLY B 231 3.35 -12.96 -58.76
C GLY B 231 3.81 -13.86 -57.64
N PHE B 232 4.62 -13.33 -56.72
CA PHE B 232 5.17 -14.13 -55.63
C PHE B 232 4.09 -14.56 -54.63
N TYR B 233 3.15 -13.66 -54.34
CA TYR B 233 2.05 -13.99 -53.45
C TYR B 233 1.23 -15.15 -53.98
N TYR B 234 0.96 -15.10 -55.28
CA TYR B 234 0.18 -16.16 -55.94
C TYR B 234 0.90 -17.49 -55.79
N GLU B 235 2.21 -17.46 -56.00
CA GLU B 235 3.03 -18.65 -55.83
C GLU B 235 2.95 -19.16 -54.39
N LEU B 236 3.03 -18.23 -53.45
CA LEU B 236 2.92 -18.56 -52.04
C LEU B 236 1.56 -19.14 -51.69
N PHE B 237 0.50 -18.49 -52.15
CA PHE B 237 -0.86 -18.87 -51.79
C PHE B 237 -1.29 -20.19 -52.41
N THR B 238 -0.84 -20.48 -53.63
CA THR B 238 -1.32 -21.67 -54.34
C THR B 238 -0.43 -22.89 -54.11
N SER B 239 0.67 -22.72 -53.40
CA SER B 239 1.47 -23.86 -52.99
C SER B 239 0.65 -24.70 -52.02
N GLN B 240 0.89 -26.01 -52.04
CA GLN B 240 0.18 -27.01 -51.21
C GLN B 240 -1.29 -27.19 -51.59
N TYR B 241 -1.73 -26.52 -52.66
CA TYR B 241 -3.12 -26.54 -53.12
C TYR B 241 -3.77 -27.93 -53.09
N GLY B 242 -3.31 -28.84 -53.93
CA GLY B 242 -3.90 -30.16 -53.98
C GLY B 242 -3.32 -31.15 -52.97
N LEU B 243 -2.38 -30.68 -52.17
CA LEU B 243 -1.61 -31.56 -51.30
C LEU B 243 -2.27 -31.87 -49.96
N VAL B 244 -2.10 -33.11 -49.51
CA VAL B 244 -2.49 -33.50 -48.16
C VAL B 244 -1.36 -33.14 -47.19
N VAL B 245 -1.65 -32.24 -46.27
CA VAL B 245 -0.65 -31.74 -45.33
C VAL B 245 -1.07 -32.06 -43.90
N GLU B 246 -0.09 -32.32 -43.02
CA GLU B 246 -0.34 -32.65 -41.62
C GLU B 246 -1.45 -31.82 -40.96
N LYS B 247 -1.39 -30.50 -41.16
CA LYS B 247 -2.46 -29.61 -40.73
C LYS B 247 -2.82 -28.66 -41.87
N GLU B 248 -4.03 -28.82 -42.41
CA GLU B 248 -4.49 -28.00 -43.53
C GLU B 248 -4.84 -26.58 -43.08
N LEU B 251 -0.88 -22.74 -44.75
CA LEU B 251 0.27 -22.78 -45.64
C LEU B 251 1.56 -23.12 -44.90
N GLU B 252 2.09 -24.31 -45.19
CA GLU B 252 3.31 -24.80 -44.55
C GLU B 252 4.54 -23.95 -44.87
N VAL B 253 4.50 -23.28 -46.02
CA VAL B 253 5.70 -22.65 -46.59
C VAL B 253 6.24 -21.46 -45.81
N LEU B 254 5.38 -20.50 -45.46
CA LEU B 254 5.84 -19.37 -44.67
C LEU B 254 6.07 -19.76 -43.21
N PHE B 255 5.96 -21.06 -42.94
CA PHE B 255 6.31 -21.69 -41.67
C PHE B 255 5.67 -21.04 -40.46
N SER C 2 4.73 -10.86 23.40
CA SER C 2 4.01 -11.47 24.51
C SER C 2 2.54 -11.04 24.50
N GLY C 3 1.64 -12.02 24.61
CA GLY C 3 0.22 -11.75 24.66
C GLY C 3 -0.55 -12.31 23.48
N GLU C 4 0.12 -13.07 22.63
CA GLU C 4 -0.56 -13.77 21.55
C GLU C 4 -1.41 -14.89 22.13
N ILE C 5 -2.66 -14.98 21.69
CA ILE C 5 -3.54 -16.04 22.15
C ILE C 5 -4.18 -16.73 20.96
N GLU C 6 -4.17 -18.06 20.98
CA GLU C 6 -4.80 -18.79 19.91
C GLU C 6 -5.64 -19.93 20.43
N PHE C 7 -6.91 -19.95 20.03
CA PHE C 7 -7.77 -21.11 20.19
C PHE C 7 -7.81 -21.87 18.87
N LYS C 8 -7.48 -23.15 18.90
CA LYS C 8 -7.52 -23.99 17.69
C LYS C 8 -8.54 -25.12 17.84
N ASN C 9 -9.70 -24.95 17.21
CA ASN C 9 -10.76 -25.96 17.19
C ASN C 9 -11.11 -26.50 18.58
N VAL C 10 -11.45 -25.60 19.49
CA VAL C 10 -11.66 -25.99 20.88
C VAL C 10 -13.08 -26.50 21.13
N TRP C 11 -13.17 -27.68 21.73
CA TRP C 11 -14.42 -28.18 22.29
C TRP C 11 -14.25 -28.32 23.79
N PHE C 12 -15.28 -27.97 24.56
CA PHE C 12 -15.29 -28.22 25.99
C PHE C 12 -16.71 -28.43 26.54
N SER C 13 -16.80 -29.23 27.59
CA SER C 13 -18.03 -29.45 28.33
C SER C 13 -17.69 -29.68 29.80
N TYR C 14 -18.52 -29.16 30.70
CA TYR C 14 -18.32 -29.39 32.13
C TYR C 14 -18.72 -30.81 32.52
N ASP C 15 -19.90 -31.24 32.11
CA ASP C 15 -20.40 -32.57 32.51
C ASP C 15 -20.11 -33.67 31.48
N LYS C 16 -19.47 -33.30 30.37
CA LYS C 16 -19.10 -34.23 29.30
C LYS C 16 -20.32 -34.87 28.63
N LYS C 17 -21.46 -34.20 28.74
CA LYS C 17 -22.66 -34.62 28.04
C LYS C 17 -22.95 -33.61 26.93
N LYS C 18 -23.71 -32.58 27.26
CA LYS C 18 -23.99 -31.49 26.33
C LYS C 18 -22.77 -30.61 26.13
N PRO C 19 -22.40 -30.36 24.86
CA PRO C 19 -21.28 -29.47 24.53
C PRO C 19 -21.55 -28.04 24.98
N VAL C 20 -20.54 -27.37 25.52
CA VAL C 20 -20.65 -25.98 25.93
C VAL C 20 -19.93 -25.08 24.93
N LEU C 21 -18.74 -25.50 24.51
CA LEU C 21 -18.02 -24.81 23.44
C LEU C 21 -17.80 -25.80 22.30
N LYS C 22 -18.09 -25.36 21.09
CA LYS C 22 -17.99 -26.21 19.90
C LYS C 22 -17.07 -25.60 18.85
N ASP C 23 -15.92 -26.22 18.62
CA ASP C 23 -15.00 -25.86 17.55
C ASP C 23 -14.64 -24.38 17.59
N ILE C 24 -14.36 -23.87 18.78
CA ILE C 24 -13.96 -22.48 18.97
C ILE C 24 -12.56 -22.24 18.42
N THR C 25 -12.45 -21.34 17.46
CA THR C 25 -11.19 -21.06 16.79
C THR C 25 -10.98 -19.56 16.60
N PHE C 26 -9.93 -19.03 17.19
CA PHE C 26 -9.60 -17.63 16.99
C PHE C 26 -8.16 -17.30 17.35
N HIS C 27 -7.67 -16.21 16.81
CA HIS C 27 -6.30 -15.78 17.03
C HIS C 27 -6.29 -14.31 17.50
N ILE C 28 -5.56 -14.06 18.58
CA ILE C 28 -5.45 -12.70 19.09
C ILE C 28 -3.99 -12.26 19.01
N LYS C 29 -3.77 -11.13 18.38
CA LYS C 29 -2.43 -10.57 18.23
C LYS C 29 -2.06 -9.82 19.50
N PRO C 30 -0.75 -9.78 19.83
CA PRO C 30 -0.31 -9.09 21.04
C PRO C 30 -0.76 -7.63 21.08
N GLY C 31 -1.37 -7.22 22.20
CA GLY C 31 -1.74 -5.82 22.39
C GLY C 31 -3.16 -5.46 22.01
N GLN C 32 -3.86 -6.36 21.34
CA GLN C 32 -5.22 -6.08 20.91
C GLN C 32 -6.21 -6.07 22.07
N LYS C 33 -7.19 -5.18 21.99
CA LYS C 33 -8.31 -5.20 22.92
C LYS C 33 -9.44 -5.98 22.27
N VAL C 34 -9.83 -7.08 22.91
CA VAL C 34 -10.82 -7.97 22.33
C VAL C 34 -12.12 -7.96 23.13
N ALA C 35 -13.23 -7.73 22.44
CA ALA C 35 -14.54 -7.81 23.06
C ALA C 35 -15.18 -9.18 22.79
N LEU C 36 -15.42 -9.94 23.85
CA LEU C 36 -16.26 -11.12 23.79
C LEU C 36 -17.69 -10.69 24.08
N VAL C 37 -18.59 -10.94 23.13
CA VAL C 37 -19.97 -10.50 23.33
C VAL C 37 -20.94 -11.62 22.99
N GLY C 38 -22.20 -11.42 23.36
CA GLY C 38 -23.21 -12.44 23.17
C GLY C 38 -23.95 -12.68 24.48
N PRO C 39 -25.04 -13.46 24.43
CA PRO C 39 -25.88 -13.72 25.60
C PRO C 39 -25.13 -14.45 26.73
N THR C 40 -25.59 -14.25 27.95
CA THR C 40 -25.10 -15.04 29.09
C THR C 40 -25.36 -16.50 28.77
N GLY C 41 -24.37 -17.35 29.01
CA GLY C 41 -24.52 -18.78 28.76
C GLY C 41 -24.14 -19.20 27.36
N SER C 42 -23.68 -18.26 26.55
CA SER C 42 -23.31 -18.54 25.16
C SER C 42 -21.90 -19.10 25.03
N GLY C 43 -21.11 -18.99 26.10
CA GLY C 43 -19.77 -19.53 26.09
C GLY C 43 -18.66 -18.58 26.51
N LYS C 44 -19.02 -17.34 26.82
CA LYS C 44 -18.03 -16.30 27.12
C LYS C 44 -17.25 -16.64 28.37
N THR C 45 -17.97 -17.04 29.41
CA THR C 45 -17.34 -17.38 30.66
C THR C 45 -16.45 -18.62 30.49
N THR C 46 -16.90 -19.55 29.66
CA THR C 46 -16.17 -20.80 29.52
C THR C 46 -14.84 -20.54 28.81
N ILE C 47 -14.86 -19.65 27.82
CA ILE C 47 -13.65 -19.29 27.11
C ILE C 47 -12.62 -18.73 28.10
N VAL C 48 -13.08 -17.84 28.98
CA VAL C 48 -12.24 -17.27 30.03
C VAL C 48 -11.74 -18.35 31.01
N ASN C 49 -12.63 -19.26 31.39
CA ASN C 49 -12.25 -20.31 32.34
C ASN C 49 -11.17 -21.22 31.78
N LEU C 50 -11.20 -21.44 30.47
CA LEU C 50 -10.21 -22.32 29.84
C LEU C 50 -8.87 -21.58 29.71
N LEU C 51 -8.94 -20.29 29.44
CA LEU C 51 -7.74 -19.48 29.32
C LEU C 51 -6.96 -19.42 30.64
N MET C 52 -7.67 -19.37 31.76
CA MET C 52 -7.02 -19.38 33.06
C MET C 52 -6.72 -20.81 33.50
N ARG C 53 -7.17 -21.76 32.67
CA ARG C 53 -6.93 -23.18 32.88
C ARG C 53 -7.55 -23.66 34.19
N PHE C 54 -8.79 -23.25 34.43
CA PHE C 54 -9.61 -23.88 35.45
C PHE C 54 -9.91 -25.32 35.07
N TYR C 55 -9.87 -25.56 33.75
CA TYR C 55 -10.07 -26.87 33.15
C TYR C 55 -9.24 -26.93 31.86
N ASP C 56 -8.98 -28.14 31.37
CA ASP C 56 -8.34 -28.31 30.08
C ASP C 56 -9.41 -28.59 29.03
N VAL C 57 -9.10 -28.26 27.77
CA VAL C 57 -10.04 -28.51 26.68
C VAL C 57 -10.23 -30.01 26.46
N ASP C 58 -11.41 -30.40 25.97
CA ASP C 58 -11.67 -31.78 25.62
C ASP C 58 -11.15 -32.10 24.23
N ARG C 59 -11.19 -31.11 23.34
CA ARG C 59 -10.65 -31.24 21.98
C ARG C 59 -10.00 -29.94 21.57
N GLY C 60 -9.00 -30.02 20.70
CA GLY C 60 -8.36 -28.82 20.19
C GLY C 60 -7.23 -28.36 21.09
N GLN C 61 -6.87 -27.09 20.97
CA GLN C 61 -5.68 -26.58 21.64
C GLN C 61 -5.76 -25.09 21.93
N ILE C 62 -5.26 -24.70 23.10
CA ILE C 62 -5.07 -23.29 23.42
C ILE C 62 -3.60 -22.97 23.54
N LEU C 63 -3.18 -21.94 22.80
CA LEU C 63 -1.78 -21.53 22.77
C LEU C 63 -1.60 -20.11 23.27
N VAL C 64 -0.73 -19.94 24.27
CA VAL C 64 -0.31 -18.61 24.68
C VAL C 64 1.11 -18.38 24.20
N ASP C 65 1.25 -17.46 23.25
CA ASP C 65 2.54 -17.14 22.66
C ASP C 65 3.23 -18.40 22.12
N GLY C 66 2.44 -19.22 21.42
CA GLY C 66 2.97 -20.39 20.74
C GLY C 66 3.24 -21.56 21.65
N ILE C 67 2.79 -21.47 22.91
CA ILE C 67 2.99 -22.55 23.86
C ILE C 67 1.66 -23.05 24.41
N ASP C 68 1.41 -24.35 24.29
CA ASP C 68 0.19 -24.95 24.81
C ASP C 68 0.10 -24.68 26.31
N ILE C 69 -1.04 -24.16 26.75
CA ILE C 69 -1.17 -23.76 28.16
C ILE C 69 -1.06 -24.95 29.10
N ARG C 70 -1.31 -26.15 28.59
CA ARG C 70 -1.10 -27.37 29.37
C ARG C 70 0.38 -27.57 29.66
N LYS C 71 1.22 -27.17 28.70
CA LYS C 71 2.67 -27.35 28.82
C LYS C 71 3.33 -26.16 29.52
N ILE C 72 2.51 -25.29 30.09
CA ILE C 72 3.03 -24.14 30.83
C ILE C 72 2.86 -24.37 32.32
N LYS C 73 3.92 -24.12 33.07
CA LYS C 73 3.87 -24.19 34.52
C LYS C 73 2.72 -23.30 35.01
N ARG C 74 1.83 -23.88 35.80
CA ARG C 74 0.64 -23.17 36.26
C ARG C 74 1.02 -21.91 37.03
N SER C 75 2.18 -21.92 37.67
CA SER C 75 2.67 -20.77 38.41
C SER C 75 2.91 -19.57 37.51
N SER C 76 3.43 -19.80 36.31
CA SER C 76 3.75 -18.72 35.39
C SER C 76 2.52 -18.28 34.59
N LEU C 77 1.53 -19.16 34.48
CA LEU C 77 0.27 -18.81 33.81
C LEU C 77 -0.55 -17.86 34.70
N ARG C 78 -0.42 -18.00 36.01
CA ARG C 78 -1.12 -17.13 36.95
C ARG C 78 -0.62 -15.69 36.87
N SER C 79 0.71 -15.54 36.78
CA SER C 79 1.31 -14.21 36.83
C SER C 79 1.36 -13.53 35.46
N SER C 80 1.10 -14.30 34.41
CA SER C 80 1.09 -13.76 33.06
C SER C 80 -0.31 -13.30 32.67
N ILE C 81 -1.29 -13.58 33.53
CA ILE C 81 -2.67 -13.22 33.28
C ILE C 81 -3.26 -12.48 34.47
N GLY C 82 -3.80 -11.29 34.23
CA GLY C 82 -4.47 -10.54 35.26
C GLY C 82 -5.98 -10.51 35.08
N ILE C 83 -6.70 -10.66 36.19
CA ILE C 83 -8.16 -10.72 36.14
C ILE C 83 -8.75 -9.63 37.02
N VAL C 84 -9.70 -8.90 36.46
CA VAL C 84 -10.50 -7.94 37.22
C VAL C 84 -11.98 -8.19 36.90
N LEU C 85 -12.73 -8.69 37.89
CA LEU C 85 -14.15 -8.96 37.71
C LEU C 85 -14.99 -7.80 38.22
N GLN C 86 -16.31 -7.88 38.05
CA GLN C 86 -17.24 -6.84 38.48
C GLN C 86 -17.09 -6.54 39.97
N ASP C 87 -16.82 -7.58 40.74
CA ASP C 87 -16.50 -7.44 42.15
C ASP C 87 -15.36 -8.39 42.48
N THR C 88 -14.65 -8.11 43.56
CA THR C 88 -13.56 -8.96 44.00
C THR C 88 -13.54 -8.94 45.51
N ILE C 89 -13.08 -10.02 46.12
CA ILE C 89 -12.98 -10.07 47.56
C ILE C 89 -11.50 -10.09 47.92
N LEU C 90 -11.17 -9.39 49.00
CA LEU C 90 -9.79 -9.18 49.41
C LEU C 90 -9.46 -10.00 50.65
N PHE C 91 -8.21 -9.92 51.08
CA PHE C 91 -7.77 -10.65 52.26
C PHE C 91 -7.86 -9.75 53.49
N SER C 92 -7.94 -10.37 54.68
CA SER C 92 -8.05 -9.61 55.92
C SER C 92 -6.69 -9.11 56.40
N THR C 93 -6.00 -8.36 55.54
CA THR C 93 -4.69 -7.79 55.85
C THR C 93 -4.65 -6.34 55.42
N THR C 94 -3.50 -5.70 55.56
CA THR C 94 -3.35 -4.29 55.21
C THR C 94 -3.57 -4.08 53.71
N VAL C 95 -3.97 -2.87 53.34
CA VAL C 95 -4.16 -2.52 51.94
C VAL C 95 -2.85 -2.71 51.18
N LYS C 96 -1.76 -2.25 51.77
CA LYS C 96 -0.44 -2.39 51.17
C LYS C 96 -0.12 -3.85 50.88
N GLU C 97 -0.46 -4.74 51.81
CA GLU C 97 -0.16 -6.16 51.64
C GLU C 97 -1.07 -6.81 50.61
N ASN C 98 -2.28 -6.27 50.45
CA ASN C 98 -3.17 -6.71 49.39
C ASN C 98 -2.64 -6.29 48.04
N LEU C 99 -2.04 -5.10 48.01
CA LEU C 99 -1.37 -4.61 46.82
C LEU C 99 0.02 -5.23 46.67
N LYS C 100 0.53 -5.83 47.73
CA LYS C 100 1.87 -6.44 47.71
C LYS C 100 1.87 -7.58 46.70
N TYR C 101 0.80 -8.37 46.68
N TYR C 101 0.78 -8.35 46.67
CA TYR C 101 0.57 -9.26 45.55
CA TYR C 101 0.55 -9.25 45.55
C TYR C 101 -0.03 -8.40 44.44
C TYR C 101 -0.02 -8.38 44.44
N GLY C 102 0.29 -8.69 43.18
CA GLY C 102 1.20 -9.77 42.82
C GLY C 102 2.56 -9.24 42.44
N ASN C 103 3.22 -8.63 43.41
CA ASN C 103 4.64 -8.30 43.29
C ASN C 103 5.24 -8.35 44.67
N PRO C 104 5.42 -9.57 45.20
CA PRO C 104 5.95 -9.75 46.57
C PRO C 104 7.22 -8.93 46.80
N GLY C 105 8.03 -8.81 45.75
CA GLY C 105 9.20 -7.94 45.80
C GLY C 105 8.93 -6.56 45.23
N ALA C 106 7.97 -5.88 45.84
CA ALA C 106 7.70 -4.49 45.48
C ALA C 106 7.97 -3.59 46.68
N THR C 107 8.80 -2.57 46.47
CA THR C 107 9.02 -1.58 47.51
C THR C 107 7.72 -0.85 47.80
N ASP C 108 7.63 -0.26 48.99
CA ASP C 108 6.45 0.48 49.38
C ASP C 108 6.26 1.69 48.46
N GLU C 109 7.35 2.27 48.00
CA GLU C 109 7.30 3.39 47.08
C GLU C 109 6.65 2.98 45.76
N GLU C 110 7.02 1.81 45.25
CA GLU C 110 6.49 1.31 43.99
C GLU C 110 4.99 1.06 44.10
N ILE C 111 4.58 0.50 45.23
CA ILE C 111 3.17 0.30 45.52
C ILE C 111 2.42 1.62 45.49
N LYS C 112 2.99 2.62 46.16
CA LYS C 112 2.35 3.93 46.27
C LYS C 112 2.34 4.67 44.93
N GLU C 113 3.42 4.54 44.16
CA GLU C 113 3.47 5.15 42.83
C GLU C 113 2.41 4.53 41.91
N ALA C 114 2.32 3.21 41.92
CA ALA C 114 1.36 2.51 41.07
C ALA C 114 -0.08 2.82 41.48
N ALA C 115 -0.30 2.95 42.79
CA ALA C 115 -1.62 3.30 43.29
C ALA C 115 -1.96 4.76 43.00
N LYS C 116 -1.02 5.50 42.42
CA LYS C 116 -1.29 6.87 42.01
C LYS C 116 -1.58 6.92 40.51
N LEU C 117 -0.92 6.07 39.74
CA LEU C 117 -1.19 5.97 38.31
C LEU C 117 -2.56 5.35 38.08
N THR C 118 -2.93 4.41 38.94
CA THR C 118 -4.31 3.94 39.01
C THR C 118 -4.96 4.68 40.16
N HIS C 119 -6.05 5.38 39.88
CA HIS C 119 -6.56 6.40 40.79
C HIS C 119 -7.13 5.84 42.10
N SER C 120 -6.28 5.15 42.87
CA SER C 120 -6.71 4.55 44.12
C SER C 120 -6.01 5.16 45.33
N ASP C 121 -4.91 5.89 45.12
CA ASP C 121 -4.12 6.44 46.21
C ASP C 121 -4.92 7.36 47.12
N HIS C 122 -5.76 8.21 46.53
CA HIS C 122 -6.48 9.21 47.30
C HIS C 122 -7.41 8.57 48.33
N PHE C 123 -8.29 7.67 47.88
CA PHE C 123 -9.23 7.06 48.81
C PHE C 123 -8.47 6.22 49.83
N ILE C 124 -7.34 5.65 49.42
CA ILE C 124 -6.49 4.89 50.33
C ILE C 124 -5.93 5.77 51.47
N LYS C 125 -5.41 6.93 51.12
CA LYS C 125 -4.85 7.82 52.15
C LYS C 125 -5.93 8.35 53.09
N HIS C 126 -7.18 8.32 52.65
CA HIS C 126 -8.29 8.82 53.49
C HIS C 126 -8.85 7.75 54.42
N LEU C 127 -8.37 6.52 54.27
CA LEU C 127 -8.67 5.45 55.22
C LEU C 127 -8.07 5.83 56.58
N PRO C 128 -8.64 5.29 57.68
CA PRO C 128 -8.22 5.66 59.03
C PRO C 128 -6.71 5.51 59.29
N GLU C 129 -6.08 4.55 58.63
CA GLU C 129 -4.65 4.32 58.80
C GLU C 129 -3.93 4.23 57.47
N GLY C 130 -4.50 4.87 56.45
CA GLY C 130 -3.91 4.92 55.13
C GLY C 130 -3.66 3.54 54.53
N TYR C 131 -2.45 3.36 54.02
CA TYR C 131 -2.06 2.08 53.41
C TYR C 131 -2.01 0.96 54.44
N GLU C 132 -1.85 1.34 55.71
CA GLU C 132 -1.72 0.37 56.79
C GLU C 132 -3.08 -0.10 57.32
N THR C 133 -4.16 0.41 56.73
CA THR C 133 -5.51 0.04 57.14
C THR C 133 -5.73 -1.46 56.95
N VAL C 134 -6.39 -2.09 57.92
CA VAL C 134 -6.37 -3.55 58.05
C VAL C 134 -7.44 -4.30 57.24
N LEU C 135 -8.46 -3.60 56.75
CA LEU C 135 -9.54 -4.23 55.98
C LEU C 135 -10.16 -5.40 56.72
N THR C 136 -11.02 -5.10 57.69
CA THR C 136 -11.53 -6.10 58.62
C THR C 136 -12.19 -7.30 57.95
N ASP C 137 -13.37 -7.09 57.39
CA ASP C 137 -14.18 -8.19 56.86
C ASP C 137 -13.94 -8.44 55.37
N ASN C 138 -12.68 -8.71 55.01
CA ASN C 138 -12.30 -9.00 53.63
C ASN C 138 -12.69 -7.90 52.65
N GLY C 139 -12.76 -6.67 53.13
CA GLY C 139 -13.03 -5.53 52.27
C GLY C 139 -14.50 -5.23 52.07
N GLU C 140 -15.36 -5.89 52.86
CA GLU C 140 -16.80 -5.65 52.76
C GLU C 140 -17.17 -4.30 53.38
N ASP C 141 -16.24 -3.71 54.13
CA ASP C 141 -16.44 -2.39 54.71
C ASP C 141 -16.01 -1.31 53.72
N LEU C 142 -15.48 -1.73 52.58
CA LEU C 142 -15.19 -0.81 51.48
C LEU C 142 -16.36 -0.83 50.49
N SER C 143 -16.37 0.12 49.56
CA SER C 143 -17.35 0.09 48.49
C SER C 143 -16.89 -0.90 47.42
N GLN C 144 -17.84 -1.38 46.63
CA GLN C 144 -17.53 -2.27 45.52
C GLN C 144 -16.54 -1.59 44.56
N GLY C 145 -16.79 -0.32 44.25
CA GLY C 145 -15.92 0.44 43.38
C GLY C 145 -14.50 0.56 43.88
N GLN C 146 -14.34 0.59 45.20
CA GLN C 146 -13.00 0.68 45.79
C GLN C 146 -12.29 -0.67 45.78
N ARG C 147 -13.05 -1.74 46.02
CA ARG C 147 -12.48 -3.07 45.91
C ARG C 147 -12.01 -3.27 44.48
N GLN C 148 -12.77 -2.73 43.53
CA GLN C 148 -12.42 -2.82 42.12
C GLN C 148 -11.17 -2.00 41.83
N LEU C 149 -11.12 -0.79 42.39
CA LEU C 149 -9.93 0.05 42.26
C LEU C 149 -8.69 -0.67 42.81
N LEU C 150 -8.85 -1.28 43.98
CA LEU C 150 -7.78 -2.04 44.60
C LEU C 150 -7.29 -3.18 43.69
N ALA C 151 -8.22 -3.90 43.07
CA ALA C 151 -7.87 -5.03 42.21
C ALA C 151 -7.13 -4.56 40.95
N ILE C 152 -7.48 -3.37 40.46
CA ILE C 152 -6.84 -2.83 39.28
C ILE C 152 -5.39 -2.48 39.60
N THR C 153 -5.19 -1.72 40.67
CA THR C 153 -3.86 -1.35 41.14
C THR C 153 -3.02 -2.60 41.33
N ARG C 154 -3.64 -3.62 41.93
CA ARG C 154 -2.99 -4.91 42.18
C ARG C 154 -2.50 -5.53 40.87
N ALA C 155 -3.35 -5.51 39.85
CA ALA C 155 -2.97 -6.07 38.55
C ALA C 155 -1.92 -5.21 37.86
N PHE C 156 -2.05 -3.90 37.97
CA PHE C 156 -1.08 -2.98 37.38
C PHE C 156 0.32 -3.18 37.95
N LEU C 157 0.39 -3.60 39.21
CA LEU C 157 1.68 -3.84 39.87
C LEU C 157 2.34 -5.10 39.34
N ALA C 158 1.53 -6.10 39.01
CA ALA C 158 2.02 -7.39 38.55
C ALA C 158 2.52 -7.33 37.10
N ASN C 159 2.01 -6.36 36.35
CA ASN C 159 2.32 -6.20 34.92
C ASN C 159 2.16 -7.52 34.15
N PRO C 160 0.92 -8.05 34.09
CA PRO C 160 0.70 -9.27 33.30
C PRO C 160 0.69 -8.97 31.81
N LYS C 161 0.91 -9.99 30.99
CA LYS C 161 0.91 -9.80 29.55
C LYS C 161 -0.49 -9.96 28.98
N ILE C 162 -1.38 -10.56 29.76
CA ILE C 162 -2.75 -10.75 29.34
C ILE C 162 -3.70 -10.24 30.42
N LEU C 163 -4.73 -9.53 29.99
CA LEU C 163 -5.75 -9.01 30.89
C LEU C 163 -7.11 -9.60 30.59
N ILE C 164 -7.77 -10.16 31.61
CA ILE C 164 -9.16 -10.54 31.48
C ILE C 164 -10.00 -9.60 32.31
N LEU C 165 -10.95 -8.94 31.66
CA LEU C 165 -11.73 -7.89 32.30
C LEU C 165 -13.22 -8.13 32.14
N ASP C 166 -13.93 -8.08 33.26
CA ASP C 166 -15.37 -8.23 33.26
C ASP C 166 -15.97 -6.85 33.48
N GLU C 167 -16.35 -6.21 32.38
CA GLU C 167 -16.86 -4.83 32.41
C GLU C 167 -18.08 -4.71 33.32
N ALA C 168 -18.06 -3.70 34.18
CA ALA C 168 -19.02 -3.62 35.28
C ALA C 168 -19.96 -2.41 35.20
N THR C 169 -21.26 -2.69 35.19
CA THR C 169 -22.30 -1.70 35.44
C THR C 169 -23.64 -2.41 35.67
N ASP C 173 -19.97 7.18 43.50
CA ASP C 173 -20.32 6.54 42.24
C ASP C 173 -19.76 7.33 41.06
N THR C 174 -20.26 8.55 40.88
CA THR C 174 -19.87 9.41 39.75
C THR C 174 -18.36 9.60 39.65
N LYS C 175 -17.72 9.88 40.78
CA LYS C 175 -16.31 10.24 40.80
C LYS C 175 -15.42 9.00 40.94
N THR C 176 -16.04 7.85 41.19
CA THR C 176 -15.31 6.58 41.19
C THR C 176 -15.48 5.89 39.84
N GLU C 177 -16.63 6.10 39.20
CA GLU C 177 -16.86 5.61 37.85
C GLU C 177 -16.02 6.39 36.85
N LYS C 178 -15.41 7.46 37.34
CA LYS C 178 -14.44 8.23 36.58
C LYS C 178 -13.05 7.65 36.80
N SER C 179 -12.71 7.45 38.07
CA SER C 179 -11.41 6.90 38.45
C SER C 179 -11.23 5.49 37.89
N ILE C 180 -12.29 4.70 37.91
CA ILE C 180 -12.25 3.34 37.42
C ILE C 180 -11.92 3.29 35.93
N GLN C 181 -12.66 4.07 35.14
CA GLN C 181 -12.45 4.12 33.69
C GLN C 181 -11.00 4.48 33.36
N ALA C 182 -10.49 5.50 34.03
CA ALA C 182 -9.13 5.95 33.79
C ALA C 182 -8.12 4.94 34.33
N ALA C 183 -8.44 4.29 35.44
CA ALA C 183 -7.58 3.25 35.99
C ALA C 183 -7.49 2.08 34.99
N MET C 184 -8.63 1.75 34.40
CA MET C 184 -8.72 0.70 33.40
C MET C 184 -7.86 0.98 32.17
N TRP C 185 -7.97 2.19 31.61
N TRP C 185 -7.99 2.18 31.61
CA TRP C 185 -7.20 2.56 30.43
CA TRP C 185 -7.22 2.59 30.44
C TRP C 185 -5.71 2.46 30.71
C TRP C 185 -5.73 2.43 30.73
N LYS C 186 -5.32 2.87 31.91
CA LYS C 186 -3.91 2.79 32.31
C LYS C 186 -3.48 1.33 32.43
N LEU C 187 -4.38 0.48 32.89
CA LEU C 187 -4.08 -0.94 33.05
C LEU C 187 -3.96 -1.65 31.70
N MET C 188 -4.82 -1.28 30.75
CA MET C 188 -4.89 -1.97 29.47
C MET C 188 -3.80 -1.53 28.50
N GLU C 189 -3.18 -0.39 28.79
CA GLU C 189 -2.12 0.17 27.96
C GLU C 189 -0.97 -0.80 27.77
N GLY C 190 -0.75 -1.22 26.51
CA GLY C 190 0.34 -2.12 26.19
C GLY C 190 0.08 -3.59 26.50
N LYS C 191 -1.18 -3.94 26.75
CA LYS C 191 -1.52 -5.32 27.08
C LYS C 191 -2.62 -5.89 26.18
N THR C 192 -2.53 -7.19 25.91
CA THR C 192 -3.63 -7.92 25.27
C THR C 192 -4.82 -7.99 26.22
N SER C 193 -5.99 -7.55 25.75
CA SER C 193 -7.15 -7.48 26.64
C SER C 193 -8.39 -8.23 26.11
N ILE C 194 -8.84 -9.20 26.89
CA ILE C 194 -10.11 -9.87 26.62
C ILE C 194 -11.14 -9.28 27.56
N ILE C 195 -12.15 -8.66 26.98
CA ILE C 195 -13.17 -7.97 27.75
C ILE C 195 -14.53 -8.63 27.56
N ILE C 196 -15.09 -9.13 28.65
CA ILE C 196 -16.51 -9.46 28.67
C ILE C 196 -17.23 -8.11 28.73
N ALA C 197 -17.50 -7.54 27.56
CA ALA C 197 -17.96 -6.15 27.47
C ALA C 197 -19.48 -6.02 27.50
N HIS C 198 -19.93 -4.84 27.91
CA HIS C 198 -21.36 -4.52 27.95
C HIS C 198 -21.60 -3.09 27.47
N ARG C 199 -20.57 -2.25 27.57
CA ARG C 199 -20.65 -0.87 27.11
C ARG C 199 -20.45 -0.78 25.60
N LEU C 200 -21.37 -0.11 24.92
CA LEU C 200 -21.32 -0.02 23.46
C LEU C 200 -20.05 0.67 22.98
N ASN C 201 -19.53 1.59 23.79
CA ASN C 201 -18.33 2.31 23.42
C ASN C 201 -17.10 1.41 23.33
N THR C 202 -16.94 0.50 24.28
CA THR C 202 -15.78 -0.39 24.27
C THR C 202 -15.98 -1.53 23.25
N ILE C 203 -17.22 -1.92 23.03
CA ILE C 203 -17.51 -2.88 21.98
C ILE C 203 -17.17 -2.25 20.63
N LYS C 204 -17.62 -1.02 20.42
CA LYS C 204 -17.46 -0.33 19.15
C LYS C 204 -15.99 -0.08 18.78
N ASN C 205 -15.15 0.20 19.78
CA ASN C 205 -13.77 0.57 19.47
C ASN C 205 -12.75 -0.55 19.68
N ALA C 206 -13.24 -1.77 19.88
CA ALA C 206 -12.34 -2.92 20.06
C ALA C 206 -11.59 -3.25 18.77
N ASP C 207 -10.36 -3.73 18.91
CA ASP C 207 -9.57 -4.19 17.77
C ASP C 207 -10.16 -5.48 17.17
N LEU C 208 -10.89 -6.23 17.98
CA LEU C 208 -11.55 -7.44 17.51
C LEU C 208 -12.80 -7.73 18.34
N ILE C 209 -13.88 -8.05 17.65
CA ILE C 209 -15.10 -8.45 18.33
C ILE C 209 -15.36 -9.92 18.05
N ILE C 210 -15.51 -10.70 19.11
CA ILE C 210 -15.86 -12.11 18.95
C ILE C 210 -17.28 -12.30 19.47
N VAL C 211 -18.18 -12.71 18.57
CA VAL C 211 -19.59 -12.82 18.92
C VAL C 211 -20.00 -14.28 19.10
N LEU C 212 -20.44 -14.59 20.31
CA LEU C 212 -20.82 -15.96 20.65
C LEU C 212 -22.34 -16.14 20.73
N ARG C 213 -22.80 -17.27 20.20
CA ARG C 213 -24.17 -17.71 20.45
C ARG C 213 -24.22 -19.22 20.57
N ASP C 214 -24.82 -19.70 21.65
CA ASP C 214 -25.04 -21.13 21.87
C ASP C 214 -23.79 -21.98 21.67
N GLY C 215 -22.70 -21.57 22.30
CA GLY C 215 -21.47 -22.35 22.28
C GLY C 215 -20.58 -22.19 21.06
N GLU C 216 -20.92 -21.29 20.15
CA GLU C 216 -20.17 -21.14 18.91
C GLU C 216 -19.93 -19.67 18.54
N ILE C 217 -18.84 -19.42 17.82
CA ILE C 217 -18.59 -18.11 17.25
C ILE C 217 -19.45 -17.90 16.00
N VAL C 218 -20.46 -17.05 16.09
CA VAL C 218 -21.32 -16.77 14.94
C VAL C 218 -20.67 -15.76 13.98
N GLU C 219 -20.04 -14.72 14.53
CA GLU C 219 -19.25 -13.81 13.71
C GLU C 219 -18.13 -13.14 14.48
N MET C 220 -17.22 -12.54 13.74
CA MET C 220 -15.93 -12.12 14.26
C MET C 220 -15.32 -11.04 13.37
N GLY C 221 -14.92 -9.91 13.97
CA GLY C 221 -14.29 -8.86 13.21
C GLY C 221 -14.46 -7.51 13.88
N LYS C 222 -14.24 -6.44 13.12
CA LYS C 222 -14.42 -5.09 13.64
C LYS C 222 -15.87 -4.62 13.53
N HIS C 223 -16.21 -3.64 14.36
CA HIS C 223 -17.56 -3.08 14.44
C HIS C 223 -18.12 -2.65 13.08
N ASP C 224 -17.42 -1.76 12.41
CA ASP C 224 -17.88 -1.24 11.11
C ASP C 224 -18.13 -2.35 10.08
N GLU C 225 -17.35 -3.42 10.17
N GLU C 225 -17.37 -3.43 10.16
CA GLU C 225 -17.55 -4.56 9.28
CA GLU C 225 -17.56 -4.55 9.25
C GLU C 225 -18.81 -5.31 9.69
C GLU C 225 -18.77 -5.39 9.66
N LEU C 226 -18.88 -5.72 10.95
CA LEU C 226 -20.00 -6.52 11.44
C LEU C 226 -21.33 -5.79 11.29
N ILE C 227 -21.32 -4.48 11.51
CA ILE C 227 -22.52 -3.67 11.42
C ILE C 227 -23.10 -3.64 9.99
N GLN C 228 -22.24 -3.77 8.99
CA GLN C 228 -22.67 -3.68 7.59
C GLN C 228 -23.62 -4.81 7.20
N LYS C 229 -23.29 -6.03 7.61
CA LYS C 229 -24.22 -7.14 7.49
C LYS C 229 -25.25 -7.06 8.61
N ARG C 230 -26.48 -7.41 8.32
CA ARG C 230 -27.55 -7.31 9.30
C ARG C 230 -27.74 -8.65 10.01
N GLY C 231 -26.67 -9.14 10.65
CA GLY C 231 -26.70 -10.41 11.35
C GLY C 231 -26.89 -10.30 12.86
N PHE C 232 -26.36 -11.28 13.58
CA PHE C 232 -26.57 -11.36 15.03
C PHE C 232 -25.88 -10.23 15.81
N TYR C 233 -24.69 -9.82 15.39
CA TYR C 233 -24.05 -8.67 16.03
C TYR C 233 -24.89 -7.40 15.83
N TYR C 234 -25.41 -7.22 14.63
CA TYR C 234 -26.27 -6.07 14.33
C TYR C 234 -27.46 -6.06 15.27
N GLU C 235 -28.09 -7.22 15.44
CA GLU C 235 -29.23 -7.35 16.33
C GLU C 235 -28.85 -7.06 17.78
N LEU C 236 -27.71 -7.58 18.22
CA LEU C 236 -27.20 -7.31 19.56
C LEU C 236 -26.96 -5.81 19.79
N PHE C 237 -26.30 -5.18 18.83
CA PHE C 237 -25.89 -3.78 18.98
C PHE C 237 -27.06 -2.82 18.95
N THR C 238 -27.99 -3.02 18.02
CA THR C 238 -29.11 -2.10 17.85
C THR C 238 -30.15 -2.18 18.98
N SER C 239 -30.24 -3.32 19.66
CA SER C 239 -31.19 -3.45 20.76
C SER C 239 -30.71 -2.68 21.98
N GLN C 240 -29.42 -2.80 22.29
CA GLN C 240 -28.80 -1.98 23.33
C GLN C 240 -29.01 -0.50 23.06
N TYR C 241 -28.80 -0.12 21.79
CA TYR C 241 -28.95 1.26 21.35
C TYR C 241 -30.39 1.76 21.52
N GLY C 242 -30.85 1.81 22.77
CA GLY C 242 -32.18 2.28 23.08
C GLY C 242 -32.30 2.70 24.54
N LEU C 243 -31.17 2.69 25.25
CA LEU C 243 -31.14 3.07 26.65
C LEU C 243 -30.81 4.55 26.82
NI NI D . -15.57 -27.25 -16.06
#